data_1Z82
#
_entry.id   1Z82
#
_cell.length_a   65.090
_cell.length_b   67.451
_cell.length_c   75.597
_cell.angle_alpha   90.000
_cell.angle_beta   113.670
_cell.angle_gamma   90.000
#
_symmetry.space_group_name_H-M   'P 1 21 1'
#
loop_
_entity.id
_entity.type
_entity.pdbx_description
1 polymer 'glycerol-3-phosphate dehydrogenase'
2 non-polymer 'NADPH DIHYDRO-NICOTINAMIDE-ADENINE-DINUCLEOTIDE PHOSPHATE'
3 non-polymer GLYCERALDEHYDE-3-PHOSPHATE
4 non-polymer (4R)-2-METHYLPENTANE-2,4-DIOL
5 non-polymer (4S)-2-METHYL-2,4-PENTANEDIOL
6 non-polymer SN-GLYCEROL-3-PHOSPHATE
7 water water
#
_entity_poly.entity_id   1
_entity_poly.type   'polypeptide(L)'
_entity_poly.pdbx_seq_one_letter_code
;MGSDKIHHHHHH(MSE)E(MSE)RFFVLGAGSWGTVFAQ(MSE)LHENGEEVILWARRKEIVDLINVSHTSPYVEESKIT
VRATNDLEEIKKEDILVIAIPVQYIREHLLRLPVKPS(MSE)VLNLSKGIEIKTGKRVSEIVEEILGCPYAVLSGPSHAE
EVAKKLPTAVTLAGENSKELQKRISTEYFRVYTCEDVVGVEIAGALKNVIAIAAGILDGFGGWDNAKAALETRGIYEIAR
FG(MSE)FFGADQKTF(MSE)GLAGIGDL(MSE)VTCNSRYSRNRRFGELIARGFNPLKLLESSNQVVEGAFTVKAV
(MSE)KIAKENKID(MSE)PISEEVYRVVYEGKPPLQS(MSE)RDL(MSE)RRSLKDEFWAS
;
_entity_poly.pdbx_strand_id   A,B
#
loop_
_chem_comp.id
_chem_comp.type
_chem_comp.name
_chem_comp.formula
G3H non-polymer GLYCERALDEHYDE-3-PHOSPHATE 'C3 H7 O6 P'
G3P non-polymer SN-GLYCEROL-3-PHOSPHATE 'C3 H9 O6 P'
MPD non-polymer (4S)-2-METHYL-2,4-PENTANEDIOL 'C6 H14 O2'
MRD non-polymer (4R)-2-METHYLPENTANE-2,4-DIOL 'C6 H14 O2'
NDP non-polymer 'NADPH DIHYDRO-NICOTINAMIDE-ADENINE-DINUCLEOTIDE PHOSPHATE' 'C21 H30 N7 O17 P3'
#
# COMPACT_ATOMS: atom_id res chain seq x y z
N GLU A 14 -10.40 -12.79 37.40
CA GLU A 14 -9.11 -12.06 37.41
C GLU A 14 -9.17 -10.61 36.84
N MSE A 15 -9.99 -10.33 35.83
CA MSE A 15 -9.81 -9.06 35.10
C MSE A 15 -11.00 -8.56 34.26
O MSE A 15 -11.76 -9.33 33.69
CB MSE A 15 -8.54 -9.24 34.25
CG MSE A 15 -8.39 -8.40 33.01
SE MSE A 15 -7.05 -9.31 31.81
CE MSE A 15 -5.71 -10.04 33.25
N ARG A 16 -11.15 -7.24 34.18
CA ARG A 16 -12.29 -6.60 33.52
C ARG A 16 -11.86 -5.44 32.61
N PHE A 17 -12.45 -5.38 31.42
CA PHE A 17 -12.14 -4.30 30.47
C PHE A 17 -13.19 -3.20 30.51
N PHE A 18 -12.76 -2.00 30.89
CA PHE A 18 -13.60 -0.82 30.86
C PHE A 18 -13.28 -0.03 29.57
N VAL A 19 -14.11 -0.23 28.56
CA VAL A 19 -13.92 0.42 27.28
C VAL A 19 -14.54 1.81 27.28
N LEU A 20 -13.66 2.81 27.13
CA LEU A 20 -13.98 4.22 27.21
C LEU A 20 -14.14 4.81 25.83
N GLY A 21 -15.40 4.97 25.42
CA GLY A 21 -15.75 5.57 24.14
C GLY A 21 -16.50 4.58 23.28
N ALA A 22 -17.73 4.95 22.90
CA ALA A 22 -18.60 4.06 22.14
C ALA A 22 -18.86 4.63 20.73
N GLY A 23 -17.77 4.89 20.03
CA GLY A 23 -17.80 5.18 18.60
C GLY A 23 -17.72 3.86 17.86
N SER A 24 -17.32 3.90 16.61
CA SER A 24 -17.25 2.71 15.77
C SER A 24 -16.33 1.64 16.32
N TRP A 25 -15.14 2.07 16.68
CA TRP A 25 -14.09 1.14 17.11
C TRP A 25 -14.22 0.72 18.58
N GLY A 26 -14.53 1.66 19.46
CA GLY A 26 -14.78 1.33 20.86
C GLY A 26 -15.87 0.29 21.02
N THR A 27 -16.97 0.49 20.29
CA THR A 27 -18.10 -0.42 20.34
C THR A 27 -17.79 -1.79 19.74
N VAL A 28 -17.11 -1.79 18.60
CA VAL A 28 -16.76 -3.05 17.92
C VAL A 28 -15.74 -3.84 18.75
N PHE A 29 -14.69 -3.17 19.23
CA PHE A 29 -13.69 -3.78 20.09
C PHE A 29 -14.29 -4.37 21.38
N ALA A 30 -15.10 -3.59 22.08
CA ALA A 30 -15.79 -4.02 23.29
C ALA A 30 -16.65 -5.25 23.04
N GLN A 31 -17.44 -5.21 21.96
CA GLN A 31 -18.27 -6.34 21.54
C GLN A 31 -17.40 -7.57 21.25
N MSE A 32 -16.27 -7.38 20.57
CA MSE A 32 -15.39 -8.51 20.29
C MSE A 32 -14.87 -9.15 21.56
O MSE A 32 -14.88 -10.35 21.68
CB MSE A 32 -14.20 -8.10 19.45
CG MSE A 32 -13.29 -9.28 19.01
SE MSE A 32 -11.93 -8.55 17.75
CE MSE A 32 -10.97 -7.34 19.02
N LEU A 33 -14.37 -8.32 22.48
CA LEU A 33 -13.93 -8.81 23.77
C LEU A 33 -15.02 -9.52 24.56
N HIS A 34 -16.24 -8.96 24.53
CA HIS A 34 -17.41 -9.58 25.14
C HIS A 34 -17.66 -10.96 24.51
N GLU A 35 -17.51 -11.08 23.20
CA GLU A 35 -17.70 -12.36 22.47
C GLU A 35 -16.60 -13.40 22.68
N ASN A 36 -15.44 -12.90 23.09
CA ASN A 36 -14.32 -13.71 23.58
C ASN A 36 -14.55 -14.32 24.97
N GLY A 37 -15.62 -13.91 25.65
CA GLY A 37 -15.90 -14.40 26.98
C GLY A 37 -15.25 -13.59 28.09
N GLU A 38 -14.71 -12.43 27.74
CA GLU A 38 -14.14 -11.51 28.71
C GLU A 38 -15.24 -10.72 29.40
N GLU A 39 -14.91 -10.20 30.57
CA GLU A 39 -15.78 -9.33 31.32
C GLU A 39 -15.54 -7.93 30.83
N VAL A 40 -16.58 -7.32 30.27
CA VAL A 40 -16.47 -6.04 29.56
C VAL A 40 -17.66 -5.18 29.89
N ILE A 41 -17.37 -3.87 30.01
CA ILE A 41 -18.37 -2.82 30.10
C ILE A 41 -17.92 -1.68 29.15
N LEU A 42 -18.86 -1.12 28.43
CA LEU A 42 -18.58 -0.07 27.47
C LEU A 42 -19.14 1.26 27.95
N TRP A 43 -18.28 2.25 28.09
CA TRP A 43 -18.76 3.59 28.46
C TRP A 43 -19.06 4.38 27.17
N ALA A 44 -20.26 4.96 27.14
CA ALA A 44 -20.65 5.93 26.14
C ALA A 44 -20.91 7.31 26.75
N ARG A 45 -20.47 8.34 26.02
CA ARG A 45 -20.62 9.74 26.43
C ARG A 45 -22.07 10.11 26.67
N ARG A 46 -22.94 9.69 25.76
CA ARG A 46 -24.36 10.07 25.81
C ARG A 46 -25.27 8.93 26.28
N LYS A 47 -26.26 9.30 27.09
CA LYS A 47 -27.23 8.34 27.63
C LYS A 47 -28.06 7.69 26.53
N GLU A 48 -28.26 8.39 25.41
CA GLU A 48 -29.02 7.88 24.28
C GLU A 48 -28.32 6.71 23.61
N ILE A 49 -27.00 6.76 23.57
CA ILE A 49 -26.23 5.66 23.02
C ILE A 49 -26.29 4.44 23.98
N VAL A 50 -26.11 4.70 25.28
CA VAL A 50 -26.20 3.66 26.28
C VAL A 50 -27.51 2.93 26.14
N ASP A 51 -28.59 3.70 26.10
CA ASP A 51 -29.91 3.15 25.91
C ASP A 51 -30.09 2.31 24.63
N LEU A 52 -29.71 2.83 23.47
CA LEU A 52 -29.75 2.04 22.24
C LEU A 52 -29.02 0.71 22.37
N ILE A 53 -27.84 0.72 23.00
CA ILE A 53 -27.05 -0.52 23.10
C ILE A 53 -27.75 -1.51 24.05
N ASN A 54 -28.04 -1.04 25.26
CA ASN A 54 -28.63 -1.88 26.30
C ASN A 54 -30.03 -2.36 25.98
N VAL A 55 -30.84 -1.52 25.33
CA VAL A 55 -32.25 -1.83 25.11
C VAL A 55 -32.54 -2.44 23.74
N SER A 56 -31.98 -1.85 22.69
CA SER A 56 -32.25 -2.31 21.35
C SER A 56 -31.02 -3.00 20.71
N HIS A 57 -29.95 -3.19 21.47
CA HIS A 57 -28.76 -3.92 20.99
C HIS A 57 -28.33 -3.49 19.61
N THR A 58 -28.37 -2.19 19.38
CA THR A 58 -27.84 -1.56 18.17
C THR A 58 -27.04 -0.31 18.54
N SER A 59 -26.15 0.09 17.64
CA SER A 59 -25.49 1.38 17.75
C SER A 59 -25.49 1.96 16.35
N PRO A 60 -25.75 3.28 16.22
CA PRO A 60 -25.61 3.95 14.92
C PRO A 60 -24.19 3.94 14.41
N TYR A 61 -23.25 3.56 15.25
CA TYR A 61 -21.85 3.49 14.87
C TYR A 61 -21.47 2.14 14.28
N VAL A 62 -22.35 1.15 14.43
CA VAL A 62 -22.09 -0.18 13.90
C VAL A 62 -23.30 -0.66 13.08
N GLU A 63 -23.17 -0.64 11.75
CA GLU A 63 -24.23 -1.10 10.85
C GLU A 63 -24.47 -2.60 10.97
N GLU A 64 -25.74 -2.98 10.94
CA GLU A 64 -26.20 -4.41 10.94
C GLU A 64 -25.34 -5.38 11.77
N SER A 65 -25.25 -5.09 13.07
CA SER A 65 -24.50 -5.86 14.03
C SER A 65 -25.13 -5.75 15.41
N LYS A 66 -25.48 -6.87 16.03
CA LYS A 66 -26.07 -6.86 17.35
C LYS A 66 -25.02 -6.54 18.40
N ILE A 67 -25.29 -5.55 19.24
CA ILE A 67 -24.40 -5.13 20.29
C ILE A 67 -24.99 -5.58 21.60
N THR A 68 -24.31 -6.53 22.24
CA THR A 68 -24.82 -7.19 23.42
C THR A 68 -23.97 -6.87 24.61
N VAL A 69 -22.78 -6.34 24.41
CA VAL A 69 -21.97 -5.87 25.51
C VAL A 69 -22.76 -4.81 26.31
N ARG A 70 -22.53 -4.76 27.63
CA ARG A 70 -23.23 -3.85 28.52
C ARG A 70 -22.61 -2.46 28.45
N ALA A 71 -23.46 -1.45 28.29
CA ALA A 71 -23.03 -0.07 28.23
C ALA A 71 -23.42 0.71 29.50
N THR A 72 -22.61 1.72 29.80
CA THR A 72 -22.87 2.62 30.90
C THR A 72 -22.51 4.04 30.51
N ASN A 73 -23.13 5.02 31.15
CA ASN A 73 -22.80 6.44 31.03
C ASN A 73 -22.03 6.97 32.25
N ASP A 74 -21.84 6.12 33.23
CA ASP A 74 -21.25 6.48 34.51
C ASP A 74 -19.76 6.12 34.57
N LEU A 75 -18.88 7.12 34.54
CA LEU A 75 -17.46 6.90 34.80
C LEU A 75 -17.18 6.38 36.21
N GLU A 76 -18.08 6.65 37.14
CA GLU A 76 -17.93 6.19 38.51
C GLU A 76 -17.96 4.67 38.57
N GLU A 77 -18.35 4.00 37.47
CA GLU A 77 -18.33 2.53 37.45
C GLU A 77 -16.94 1.92 37.30
N ILE A 78 -15.96 2.70 36.87
CA ILE A 78 -14.61 2.20 36.72
C ILE A 78 -14.00 1.85 38.08
N LYS A 79 -13.29 0.72 38.11
CA LYS A 79 -12.69 0.18 39.33
C LYS A 79 -11.19 0.16 39.17
N LYS A 80 -10.47 0.20 40.28
CA LYS A 80 -9.01 0.28 40.27
C LYS A 80 -8.35 -0.97 39.65
N GLU A 81 -9.12 -2.07 39.53
CA GLU A 81 -8.63 -3.32 38.98
C GLU A 81 -8.96 -3.47 37.50
N ASP A 82 -9.63 -2.47 36.92
CA ASP A 82 -9.99 -2.47 35.48
C ASP A 82 -8.83 -2.22 34.55
N ILE A 83 -8.92 -2.84 33.38
CA ILE A 83 -8.15 -2.45 32.20
C ILE A 83 -8.91 -1.34 31.46
N LEU A 84 -8.42 -0.09 31.53
CA LEU A 84 -9.03 0.99 30.78
C LEU A 84 -8.62 0.92 29.31
N VAL A 85 -9.59 0.74 28.44
CA VAL A 85 -9.34 0.73 27.00
C VAL A 85 -9.73 2.08 26.47
N ILE A 86 -8.77 2.85 25.96
CA ILE A 86 -9.11 4.17 25.42
C ILE A 86 -9.52 4.11 23.98
N ALA A 87 -10.76 4.51 23.70
CA ALA A 87 -11.33 4.58 22.36
C ALA A 87 -12.09 5.90 22.16
N ILE A 88 -11.56 6.95 22.77
CA ILE A 88 -12.03 8.32 22.62
C ILE A 88 -11.05 8.99 21.66
N PRO A 89 -11.56 9.82 20.72
CA PRO A 89 -10.66 10.55 19.80
C PRO A 89 -9.66 11.40 20.56
N VAL A 90 -8.44 11.45 20.09
CA VAL A 90 -7.30 11.87 20.92
C VAL A 90 -7.47 13.25 21.54
N GLN A 91 -8.13 14.16 20.84
CA GLN A 91 -8.20 15.53 21.33
C GLN A 91 -9.13 15.61 22.52
N TYR A 92 -9.93 14.55 22.77
CA TYR A 92 -10.86 14.55 23.91
C TYR A 92 -10.48 13.57 25.04
N ILE A 93 -9.33 12.93 24.91
CA ILE A 93 -8.89 11.97 25.91
C ILE A 93 -8.59 12.61 27.26
N ARG A 94 -7.89 13.74 27.24
CA ARG A 94 -7.43 14.39 28.47
C ARG A 94 -8.57 14.74 29.42
N GLU A 95 -9.56 15.46 28.93
CA GLU A 95 -10.68 15.87 29.77
C GLU A 95 -11.39 14.67 30.41
N HIS A 96 -11.48 13.54 29.70
CA HIS A 96 -12.14 12.35 30.27
C HIS A 96 -11.33 11.55 31.27
N LEU A 97 -10.04 11.35 31.00
CA LEU A 97 -9.14 10.78 32.01
C LEU A 97 -9.11 11.59 33.29
N LEU A 98 -9.25 12.91 33.20
CA LEU A 98 -9.13 13.76 34.35
C LEU A 98 -10.33 13.60 35.28
N ARG A 99 -11.41 13.03 34.75
CA ARG A 99 -12.66 12.80 35.48
C ARG A 99 -12.85 11.38 36.02
N LEU A 100 -11.89 10.50 35.81
CA LEU A 100 -11.95 9.17 36.35
C LEU A 100 -11.81 9.29 37.85
N PRO A 101 -12.67 8.61 38.60
CA PRO A 101 -12.66 8.72 40.03
C PRO A 101 -11.50 7.93 40.63
N VAL A 102 -11.00 6.92 39.92
CA VAL A 102 -9.80 6.20 40.37
C VAL A 102 -8.86 5.86 39.21
N LYS A 103 -7.63 5.50 39.54
CA LYS A 103 -6.66 5.08 38.54
C LYS A 103 -6.87 3.59 38.22
N PRO A 104 -6.95 3.23 36.93
CA PRO A 104 -7.12 1.84 36.55
C PRO A 104 -5.79 1.11 36.75
N SER A 105 -5.80 -0.21 36.60
CA SER A 105 -4.57 -0.97 36.78
C SER A 105 -3.66 -0.80 35.57
N MSE A 106 -4.24 -0.60 34.39
CA MSE A 106 -3.47 -0.16 33.23
C MSE A 106 -4.35 0.39 32.12
O MSE A 106 -5.56 0.32 32.20
CB MSE A 106 -2.63 -1.32 32.65
CG MSE A 106 -3.44 -2.43 32.06
SE MSE A 106 -2.30 -3.64 30.93
CE MSE A 106 -1.52 -2.40 29.56
N VAL A 107 -3.71 0.89 31.08
CA VAL A 107 -4.37 1.45 29.93
C VAL A 107 -3.93 0.67 28.69
N LEU A 108 -4.91 0.18 27.95
CA LEU A 108 -4.77 -0.22 26.55
C LEU A 108 -5.36 0.87 25.65
N ASN A 109 -4.54 1.52 24.86
CA ASN A 109 -4.98 2.58 23.93
C ASN A 109 -5.27 2.06 22.56
N LEU A 110 -6.40 2.48 22.02
CA LEU A 110 -6.81 2.18 20.64
C LEU A 110 -6.77 3.40 19.72
N SER A 111 -6.66 4.58 20.29
CA SER A 111 -6.82 5.83 19.58
C SER A 111 -5.55 6.27 18.86
N LYS A 112 -5.70 6.89 17.69
CA LYS A 112 -4.59 7.21 16.81
C LYS A 112 -4.56 8.72 16.59
N GLY A 113 -3.52 9.37 17.11
CA GLY A 113 -3.40 10.82 17.01
C GLY A 113 -2.42 11.39 17.97
N ILE A 114 -2.21 12.70 17.87
CA ILE A 114 -1.33 13.44 18.76
C ILE A 114 -2.11 14.69 19.18
N GLU A 115 -2.10 14.95 20.48
CA GLU A 115 -2.80 16.08 21.08
C GLU A 115 -2.18 17.37 20.63
N ILE A 116 -3.02 18.24 20.09
CA ILE A 116 -2.59 19.44 19.35
C ILE A 116 -1.82 20.40 20.19
N LYS A 117 -2.34 20.69 21.37
CA LYS A 117 -1.79 21.81 22.11
C LYS A 117 -0.46 21.45 22.76
N THR A 118 -0.37 20.20 23.22
CA THR A 118 0.73 19.72 24.03
C THR A 118 1.76 18.94 23.24
N GLY A 119 1.39 18.51 22.03
CA GLY A 119 2.21 17.66 21.21
C GLY A 119 2.36 16.26 21.77
N LYS A 120 1.47 15.88 22.67
CA LYS A 120 1.61 14.63 23.39
C LYS A 120 0.94 13.46 22.70
N ARG A 121 1.63 12.32 22.69
CA ARG A 121 1.06 11.03 22.31
C ARG A 121 0.15 10.53 23.43
N VAL A 122 -0.70 9.55 23.15
CA VAL A 122 -1.59 9.06 24.19
C VAL A 122 -0.84 8.51 25.41
N SER A 123 0.24 7.77 25.16
CA SER A 123 1.08 7.26 26.25
C SER A 123 1.48 8.36 27.25
N GLU A 124 1.78 9.53 26.71
CA GLU A 124 2.26 10.67 27.50
C GLU A 124 1.13 11.33 28.28
N ILE A 125 -0.06 11.37 27.70
CA ILE A 125 -1.24 11.87 28.41
C ILE A 125 -1.53 10.95 29.59
N VAL A 126 -1.45 9.64 29.33
CA VAL A 126 -1.72 8.64 30.35
C VAL A 126 -0.73 8.73 31.46
N GLU A 127 0.54 8.92 31.09
CA GLU A 127 1.64 9.07 32.03
C GLU A 127 1.43 10.28 32.95
N GLU A 128 0.96 11.38 32.37
CA GLU A 128 0.78 12.65 33.10
C GLU A 128 -0.39 12.54 34.08
N ILE A 129 -1.46 11.92 33.64
CA ILE A 129 -2.70 11.92 34.39
C ILE A 129 -2.86 10.69 35.28
N LEU A 130 -2.57 9.49 34.76
CA LEU A 130 -2.81 8.25 35.50
C LEU A 130 -1.52 7.58 36.00
N GLY A 131 -0.47 7.57 35.18
CA GLY A 131 0.82 7.00 35.57
C GLY A 131 0.84 5.49 35.75
N CYS A 132 -0.08 4.79 35.07
CA CYS A 132 -0.24 3.35 35.16
C CYS A 132 0.39 2.71 33.93
N PRO A 133 0.71 1.40 33.98
CA PRO A 133 1.25 0.70 32.82
C PRO A 133 0.45 0.95 31.56
N TYR A 134 1.14 1.03 30.43
CA TYR A 134 0.53 1.42 29.18
C TYR A 134 0.86 0.44 28.05
N ALA A 135 -0.16 0.18 27.22
CA ALA A 135 0.00 -0.54 25.96
C ALA A 135 -0.87 0.06 24.86
N VAL A 136 -0.47 -0.13 23.61
CA VAL A 136 -1.16 0.42 22.44
C VAL A 136 -1.39 -0.67 21.39
N LEU A 137 -2.63 -0.82 20.94
CA LEU A 137 -2.99 -1.73 19.86
C LEU A 137 -3.23 -0.91 18.61
N SER A 138 -2.60 -1.30 17.51
CA SER A 138 -2.65 -0.50 16.28
C SER A 138 -2.26 -1.33 15.07
N GLY A 139 -3.03 -1.25 14.01
CA GLY A 139 -2.72 -1.89 12.75
C GLY A 139 -3.85 -1.60 11.78
N PRO A 140 -3.82 -2.23 10.61
CA PRO A 140 -4.92 -2.10 9.66
C PRO A 140 -6.21 -2.84 10.09
N SER A 141 -7.13 -2.08 10.68
CA SER A 141 -8.27 -2.60 11.38
C SER A 141 -9.45 -1.64 11.28
N HIS A 142 -10.01 -1.55 10.09
CA HIS A 142 -11.26 -0.81 9.95
C HIS A 142 -12.34 -1.52 10.75
N ALA A 143 -12.99 -0.80 11.65
CA ALA A 143 -13.98 -1.39 12.56
C ALA A 143 -15.09 -2.06 11.80
N GLU A 144 -15.46 -1.51 10.65
CA GLU A 144 -16.53 -2.12 9.86
C GLU A 144 -16.23 -3.55 9.48
N GLU A 145 -14.99 -3.84 9.13
CA GLU A 145 -14.60 -5.19 8.75
C GLU A 145 -14.40 -6.12 9.92
N VAL A 146 -13.91 -5.56 11.03
CA VAL A 146 -13.75 -6.34 12.26
C VAL A 146 -15.12 -6.78 12.76
N ALA A 147 -16.10 -5.88 12.70
CA ALA A 147 -17.50 -6.24 13.07
C ALA A 147 -18.09 -7.38 12.22
N LYS A 148 -17.66 -7.46 10.96
CA LYS A 148 -18.10 -8.53 10.07
C LYS A 148 -17.23 -9.76 10.15
N LYS A 149 -16.27 -9.75 11.07
CA LYS A 149 -15.38 -10.88 11.33
C LYS A 149 -14.54 -11.23 10.09
N LEU A 150 -14.09 -10.22 9.38
CA LEU A 150 -13.18 -10.40 8.24
C LEU A 150 -11.73 -10.41 8.74
N PRO A 151 -10.86 -11.21 8.12
CA PRO A 151 -9.49 -11.33 8.64
C PRO A 151 -8.77 -10.00 8.79
N THR A 152 -8.17 -9.83 9.96
CA THR A 152 -7.55 -8.61 10.40
C THR A 152 -6.31 -9.00 11.22
N ALA A 153 -5.23 -8.26 11.06
CA ALA A 153 -4.04 -8.44 11.91
C ALA A 153 -3.64 -7.07 12.41
N VAL A 154 -3.29 -6.98 13.69
CA VAL A 154 -2.78 -5.73 14.24
C VAL A 154 -1.56 -6.03 15.10
N THR A 155 -0.86 -4.96 15.48
CA THR A 155 0.23 -5.09 16.45
C THR A 155 -0.16 -4.51 17.80
N LEU A 156 0.50 -4.99 18.84
CA LEU A 156 0.32 -4.51 20.18
C LEU A 156 1.68 -4.28 20.85
N ALA A 157 1.92 -3.06 21.33
CA ALA A 157 3.17 -2.73 21.98
C ALA A 157 2.91 -2.20 23.39
N GLY A 158 3.75 -2.58 24.33
CA GLY A 158 3.67 -2.03 25.66
C GLY A 158 3.67 -3.08 26.73
N GLU A 159 3.23 -2.68 27.92
CA GLU A 159 3.26 -3.53 29.10
C GLU A 159 2.12 -4.55 29.07
N ASN A 160 2.39 -5.76 29.58
CA ASN A 160 1.44 -6.89 29.63
C ASN A 160 0.93 -7.34 28.26
N SER A 161 1.78 -7.25 27.24
CA SER A 161 1.30 -7.44 25.89
C SER A 161 1.01 -8.93 25.64
N LYS A 162 1.79 -9.80 26.27
CA LYS A 162 1.59 -11.25 26.16
C LYS A 162 0.20 -11.66 26.65
N GLU A 163 -0.17 -11.28 27.87
CA GLU A 163 -1.52 -11.56 28.40
C GLU A 163 -2.64 -10.93 27.56
N LEU A 164 -2.43 -9.68 27.14
CA LEU A 164 -3.39 -8.97 26.34
C LEU A 164 -3.56 -9.65 24.99
N GLN A 165 -2.47 -10.00 24.36
CA GLN A 165 -2.54 -10.80 23.13
C GLN A 165 -3.49 -11.99 23.25
N LYS A 166 -3.34 -12.76 24.33
CA LYS A 166 -4.16 -13.95 24.56
C LYS A 166 -5.64 -13.59 24.68
N ARG A 167 -5.97 -12.56 25.45
CA ARG A 167 -7.39 -12.26 25.67
C ARG A 167 -8.07 -11.54 24.50
N ILE A 168 -7.30 -10.84 23.68
CA ILE A 168 -7.88 -10.05 22.58
C ILE A 168 -8.04 -10.86 21.28
N SER A 169 -7.07 -11.72 21.01
CA SER A 169 -7.03 -12.44 19.73
C SER A 169 -8.25 -13.33 19.45
N THR A 170 -8.63 -13.40 18.18
CA THR A 170 -9.63 -14.34 17.72
C THR A 170 -9.12 -15.02 16.46
N GLU A 171 -9.86 -16.03 16.03
CA GLU A 171 -9.75 -16.65 14.70
C GLU A 171 -9.49 -15.65 13.54
N TYR A 172 -10.17 -14.51 13.54
CA TYR A 172 -10.12 -13.51 12.44
C TYR A 172 -9.39 -12.22 12.82
N PHE A 173 -8.99 -12.06 14.08
CA PHE A 173 -8.33 -10.86 14.57
C PHE A 173 -7.03 -11.28 15.25
N ARG A 174 -5.93 -11.14 14.53
CA ARG A 174 -4.65 -11.63 14.99
C ARG A 174 -3.80 -10.50 15.53
N VAL A 175 -3.30 -10.70 16.73
CA VAL A 175 -2.47 -9.76 17.44
C VAL A 175 -0.99 -10.24 17.48
N TYR A 176 -0.12 -9.43 16.90
CA TYR A 176 1.31 -9.62 16.97
C TYR A 176 1.83 -8.61 17.98
N THR A 177 2.81 -8.96 18.77
CA THR A 177 3.34 -8.02 19.76
C THR A 177 4.68 -7.48 19.26
N CYS A 178 4.98 -6.24 19.63
CA CYS A 178 6.31 -5.68 19.49
C CYS A 178 6.62 -4.79 20.67
N GLU A 179 7.80 -4.18 20.66
CA GLU A 179 8.24 -3.41 21.84
C GLU A 179 8.24 -1.89 21.65
N ASP A 180 8.01 -1.42 20.42
CA ASP A 180 8.19 -0.01 20.10
C ASP A 180 6.91 0.81 20.25
N VAL A 181 6.58 1.18 21.48
CA VAL A 181 5.38 2.01 21.73
C VAL A 181 5.40 3.31 20.94
N VAL A 182 6.51 4.03 21.00
CA VAL A 182 6.62 5.33 20.35
C VAL A 182 6.41 5.22 18.84
N GLY A 183 7.04 4.22 18.25
CA GLY A 183 6.92 3.98 16.83
C GLY A 183 5.51 3.64 16.41
N VAL A 184 4.85 2.77 17.18
CA VAL A 184 3.43 2.38 16.92
C VAL A 184 2.46 3.55 17.04
N GLU A 185 2.64 4.37 18.08
CA GLU A 185 1.82 5.54 18.29
C GLU A 185 2.02 6.52 17.16
N ILE A 186 3.26 6.73 16.75
CA ILE A 186 3.53 7.75 15.74
C ILE A 186 3.05 7.34 14.35
N ALA A 187 3.22 6.06 14.03
CA ALA A 187 2.78 5.50 12.74
C ALA A 187 1.28 5.54 12.61
N GLY A 188 0.59 5.13 13.66
CA GLY A 188 -0.87 5.16 13.65
C GLY A 188 -1.40 6.59 13.61
N ALA A 189 -0.76 7.51 14.34
CA ALA A 189 -1.20 8.90 14.32
C ALA A 189 -0.97 9.55 12.93
N LEU A 190 0.25 9.46 12.39
CA LEU A 190 0.62 10.15 11.16
C LEU A 190 0.06 9.56 9.87
N LYS A 191 -0.36 8.28 9.86
CA LYS A 191 -0.87 7.67 8.63
C LYS A 191 -2.20 8.22 8.20
N ASN A 192 -2.98 8.70 9.18
CA ASN A 192 -4.14 9.48 8.90
C ASN A 192 -3.85 10.76 8.17
N VAL A 193 -2.72 11.40 8.45
CA VAL A 193 -2.41 12.62 7.73
C VAL A 193 -2.14 12.29 6.27
N ILE A 194 -1.32 11.27 5.99
CA ILE A 194 -0.98 10.88 4.64
C ILE A 194 -2.25 10.45 3.88
N ALA A 195 -3.14 9.77 4.59
CA ALA A 195 -4.37 9.29 3.98
C ALA A 195 -5.24 10.43 3.45
N ILE A 196 -5.23 11.56 4.12
CA ILE A 196 -5.92 12.73 3.61
C ILE A 196 -5.37 13.10 2.24
N ALA A 197 -4.06 13.21 2.14
CA ALA A 197 -3.35 13.47 0.88
C ALA A 197 -3.70 12.42 -0.20
N ALA A 198 -3.78 11.15 0.20
CA ALA A 198 -4.22 10.06 -0.72
C ALA A 198 -5.66 10.19 -1.21
N GLY A 199 -6.58 10.52 -0.32
CA GLY A 199 -7.94 10.84 -0.73
C GLY A 199 -8.07 11.98 -1.73
N ILE A 200 -7.25 13.02 -1.58
CA ILE A 200 -7.25 14.10 -2.53
C ILE A 200 -7.06 13.55 -3.95
N LEU A 201 -6.14 12.59 -4.10
CA LEU A 201 -5.87 11.99 -5.41
C LEU A 201 -7.05 11.20 -5.93
N ASP A 202 -7.77 10.55 -5.04
CA ASP A 202 -9.00 9.89 -5.41
C ASP A 202 -10.06 10.91 -5.83
N GLY A 203 -10.08 12.05 -5.15
CA GLY A 203 -11.02 13.12 -5.50
C GLY A 203 -10.76 13.71 -6.86
N PHE A 204 -9.51 13.67 -7.31
CA PHE A 204 -9.15 14.06 -8.68
C PHE A 204 -9.62 13.04 -9.73
N GLY A 205 -9.99 11.85 -9.32
CA GLY A 205 -10.37 10.86 -10.29
C GLY A 205 -9.74 9.52 -10.08
N GLY A 206 -8.82 9.42 -9.15
CA GLY A 206 -8.12 8.19 -8.90
C GLY A 206 -6.87 8.21 -9.75
N TRP A 207 -5.81 8.78 -9.20
CA TRP A 207 -4.51 8.83 -9.86
C TRP A 207 -3.65 7.75 -9.14
N ASP A 208 -3.75 6.50 -9.58
CA ASP A 208 -3.17 5.37 -8.86
C ASP A 208 -1.63 5.40 -8.78
N ASN A 209 -0.94 5.76 -9.88
CA ASN A 209 0.53 5.88 -9.87
C ASN A 209 0.96 6.90 -8.87
N ALA A 210 0.24 8.04 -8.88
CA ALA A 210 0.50 9.09 -7.91
C ALA A 210 0.27 8.67 -6.51
N LYS A 211 -0.81 7.96 -6.22
CA LYS A 211 -1.01 7.58 -4.85
C LYS A 211 0.05 6.66 -4.30
N ALA A 212 0.50 5.70 -5.09
CA ALA A 212 1.48 4.71 -4.65
C ALA A 212 2.83 5.39 -4.39
N ALA A 213 3.20 6.32 -5.26
CA ALA A 213 4.35 7.17 -5.03
C ALA A 213 4.22 8.02 -3.77
N LEU A 214 3.04 8.61 -3.55
CA LEU A 214 2.72 9.34 -2.30
C LEU A 214 2.85 8.45 -1.08
N GLU A 215 2.28 7.25 -1.16
CA GLU A 215 2.36 6.32 -0.02
C GLU A 215 3.83 5.94 0.29
N THR A 216 4.65 5.80 -0.73
CA THR A 216 6.04 5.40 -0.58
C THR A 216 6.84 6.50 0.13
N ARG A 217 6.57 7.72 -0.29
CA ARG A 217 7.25 8.87 0.27
C ARG A 217 6.66 9.15 1.65
N GLY A 218 5.35 8.98 1.78
CA GLY A 218 4.64 9.06 3.04
C GLY A 218 5.13 8.15 4.16
N ILE A 219 5.34 6.86 3.89
CA ILE A 219 5.82 6.00 4.98
C ILE A 219 7.20 6.49 5.46
N TYR A 220 7.98 6.97 4.52
CA TYR A 220 9.29 7.52 4.81
C TYR A 220 9.23 8.82 5.67
N GLU A 221 8.35 9.74 5.30
CA GLU A 221 8.15 10.97 6.09
C GLU A 221 7.75 10.61 7.53
N ILE A 222 6.83 9.68 7.66
CA ILE A 222 6.38 9.18 8.95
C ILE A 222 7.54 8.57 9.74
N ALA A 223 8.30 7.69 9.07
CA ALA A 223 9.46 7.07 9.72
C ALA A 223 10.47 8.07 10.19
N ARG A 224 10.70 9.13 9.42
CA ARG A 224 11.63 10.20 9.85
C ARG A 224 11.16 10.93 11.12
N PHE A 225 9.89 11.26 11.18
CA PHE A 225 9.29 11.84 12.38
C PHE A 225 9.41 10.91 13.58
N GLY A 226 9.04 9.64 13.43
CA GLY A 226 9.17 8.67 14.51
C GLY A 226 10.59 8.42 14.99
N MSE A 227 11.54 8.30 14.06
CA MSE A 227 12.91 8.03 14.42
C MSE A 227 13.55 9.20 15.17
O MSE A 227 14.42 8.99 16.02
CB MSE A 227 13.71 7.68 13.19
CG MSE A 227 13.41 6.28 12.71
SE MSE A 227 14.00 5.98 10.85
CE MSE A 227 15.82 6.20 11.10
N PHE A 228 13.12 10.41 14.84
CA PHE A 228 13.50 11.59 15.60
C PHE A 228 13.04 11.49 17.07
N PHE A 229 11.93 10.80 17.34
CA PHE A 229 11.52 10.58 18.73
C PHE A 229 11.88 9.19 19.24
N GLY A 230 12.85 8.58 18.59
CA GLY A 230 13.43 7.33 19.05
C GLY A 230 12.69 6.06 18.65
N ALA A 231 11.80 6.11 17.65
CA ALA A 231 11.18 4.88 17.12
C ALA A 231 12.17 3.99 16.33
N ASP A 232 11.80 2.73 16.19
CA ASP A 232 12.60 1.74 15.45
C ASP A 232 12.08 1.78 14.00
N GLN A 233 13.02 1.87 13.06
CA GLN A 233 12.72 1.91 11.61
C GLN A 233 11.91 0.72 11.17
N LYS A 234 12.20 -0.46 11.72
CA LYS A 234 11.44 -1.70 11.45
C LYS A 234 9.95 -1.63 11.72
N THR A 235 9.55 -0.79 12.68
CA THR A 235 8.16 -0.61 13.07
C THR A 235 7.35 -0.06 11.92
N PHE A 236 8.01 0.74 11.10
CA PHE A 236 7.35 1.41 9.99
C PHE A 236 7.15 0.49 8.79
N MSE A 237 7.87 -0.62 8.77
CA MSE A 237 7.71 -1.60 7.73
C MSE A 237 6.79 -2.76 8.16
O MSE A 237 6.65 -3.74 7.44
CB MSE A 237 9.04 -2.08 7.17
CB MSE A 237 9.09 -2.17 7.31
CG MSE A 237 9.66 -1.09 6.15
CG MSE A 237 10.35 -1.32 7.72
SE MSE A 237 8.42 -0.55 4.67
SE MSE A 237 12.08 -2.17 7.26
CE MSE A 237 8.19 -2.31 3.78
CE MSE A 237 13.36 -1.62 8.73
N GLY A 238 6.14 -2.65 9.31
CA GLY A 238 5.23 -3.67 9.79
C GLY A 238 3.80 -3.18 9.71
N LEU A 239 2.91 -3.92 10.37
CA LEU A 239 1.48 -3.67 10.35
C LEU A 239 1.07 -2.30 10.88
N ALA A 240 1.78 -1.79 11.88
CA ALA A 240 1.48 -0.49 12.48
C ALA A 240 1.83 0.67 11.55
N GLY A 241 2.77 0.44 10.64
CA GLY A 241 3.23 1.46 9.74
C GLY A 241 2.67 1.24 8.35
N ILE A 242 3.40 0.51 7.53
CA ILE A 242 3.00 0.35 6.12
C ILE A 242 1.63 -0.29 6.01
N GLY A 243 1.35 -1.32 6.80
CA GLY A 243 0.03 -1.96 6.75
C GLY A 243 -1.13 -1.01 6.96
N ASP A 244 -1.11 -0.29 8.07
CA ASP A 244 -2.14 0.67 8.42
C ASP A 244 -2.20 1.77 7.39
N LEU A 245 -1.04 2.23 6.94
CA LEU A 245 -1.04 3.26 5.88
C LEU A 245 -1.80 2.80 4.63
N MSE A 246 -1.49 1.57 4.19
CA MSE A 246 -2.15 0.95 3.06
C MSE A 246 -3.64 0.77 3.20
O MSE A 246 -4.40 1.12 2.29
CB MSE A 246 -1.50 -0.41 2.75
CG MSE A 246 -0.17 -0.17 2.03
SE MSE A 246 0.82 -1.80 1.52
CE MSE A 246 0.86 -2.77 3.33
N VAL A 247 -4.06 0.17 4.31
CA VAL A 247 -5.51 0.02 4.51
C VAL A 247 -6.23 1.38 4.58
N THR A 248 -5.56 2.40 5.06
CA THR A 248 -6.21 3.68 5.21
C THR A 248 -6.26 4.46 3.88
N CYS A 249 -5.15 4.51 3.15
CA CYS A 249 -5.10 5.16 1.86
C CYS A 249 -5.96 4.48 0.77
N ASN A 250 -6.28 3.19 0.90
CA ASN A 250 -6.86 2.44 -0.20
C ASN A 250 -8.27 1.90 0.08
N SER A 251 -8.82 2.08 1.29
CA SER A 251 -10.14 1.53 1.60
C SER A 251 -11.22 2.56 1.52
N ARG A 252 -12.34 2.15 0.97
CA ARG A 252 -13.54 2.94 1.07
C ARG A 252 -13.96 3.27 2.53
N TYR A 253 -13.51 2.48 3.52
CA TYR A 253 -13.95 2.71 4.91
C TYR A 253 -13.25 3.83 5.62
N SER A 254 -12.20 4.40 5.03
CA SER A 254 -11.36 5.36 5.72
C SER A 254 -11.96 6.78 5.75
N ARG A 255 -12.16 7.35 6.94
CA ARG A 255 -12.77 8.67 7.10
C ARG A 255 -11.77 9.72 6.64
N ASN A 256 -10.51 9.45 6.92
CA ASN A 256 -9.47 10.39 6.53
C ASN A 256 -9.31 10.43 5.01
N ARG A 257 -9.24 9.29 4.33
CA ARG A 257 -9.19 9.27 2.87
C ARG A 257 -10.44 9.93 2.27
N ARG A 258 -11.63 9.60 2.80
CA ARG A 258 -12.89 10.23 2.35
C ARG A 258 -12.89 11.77 2.52
N PHE A 259 -12.33 12.24 3.62
CA PHE A 259 -12.23 13.67 3.88
C PHE A 259 -11.42 14.35 2.77
N GLY A 260 -10.25 13.78 2.46
CA GLY A 260 -9.43 14.29 1.36
C GLY A 260 -10.15 14.25 0.02
N GLU A 261 -10.89 13.18 -0.21
CA GLU A 261 -11.60 12.98 -1.46
C GLU A 261 -12.64 14.09 -1.66
N LEU A 262 -13.36 14.44 -0.59
CA LEU A 262 -14.42 15.43 -0.69
C LEU A 262 -13.86 16.85 -0.82
N ILE A 263 -12.73 17.09 -0.16
CA ILE A 263 -12.06 18.40 -0.31
C ILE A 263 -11.71 18.58 -1.78
N ALA A 264 -11.11 17.55 -2.37
CA ALA A 264 -10.80 17.53 -3.80
C ALA A 264 -12.01 17.75 -4.67
N ARG A 265 -13.18 17.26 -4.27
CA ARG A 265 -14.40 17.49 -5.03
C ARG A 265 -14.97 18.89 -4.92
N GLY A 266 -14.48 19.69 -3.97
CA GLY A 266 -14.94 21.05 -3.79
C GLY A 266 -15.64 21.35 -2.48
N PHE A 267 -15.77 20.38 -1.59
CA PHE A 267 -16.42 20.64 -0.32
C PHE A 267 -15.48 21.44 0.60
N ASN A 268 -16.09 22.28 1.42
CA ASN A 268 -15.36 23.06 2.41
C ASN A 268 -14.91 22.16 3.58
N PRO A 269 -13.60 22.14 3.88
CA PRO A 269 -13.07 21.32 4.94
C PRO A 269 -13.76 21.46 6.32
N LEU A 270 -13.97 22.69 6.81
CA LEU A 270 -14.64 22.88 8.11
C LEU A 270 -16.06 22.34 8.09
N LYS A 271 -16.80 22.69 7.05
CA LYS A 271 -18.15 22.25 6.94
C LYS A 271 -18.20 20.73 6.92
N LEU A 272 -17.22 20.11 6.26
CA LEU A 272 -17.19 18.65 6.21
C LEU A 272 -17.05 18.07 7.61
N LEU A 273 -16.18 18.65 8.42
CA LEU A 273 -15.95 18.16 9.77
C LEU A 273 -17.24 18.22 10.62
N GLU A 274 -17.93 19.36 10.58
CA GLU A 274 -19.21 19.50 11.28
C GLU A 274 -20.35 18.63 10.74
N SER A 275 -20.18 18.05 9.55
CA SER A 275 -21.24 17.24 8.94
C SER A 275 -21.38 15.84 9.58
N SER A 276 -20.31 15.36 10.24
CA SER A 276 -20.38 14.03 10.87
C SER A 276 -20.14 14.03 12.37
N ASN A 277 -20.73 13.02 13.02
CA ASN A 277 -20.41 12.65 14.41
C ASN A 277 -19.13 11.80 14.56
N GLN A 278 -18.66 11.24 13.46
CA GLN A 278 -17.35 10.59 13.43
C GLN A 278 -16.20 11.59 13.38
N VAL A 279 -15.05 11.19 13.92
CA VAL A 279 -13.89 12.10 13.96
C VAL A 279 -12.94 11.74 12.86
N VAL A 280 -12.44 12.76 12.17
CA VAL A 280 -11.36 12.63 11.15
C VAL A 280 -10.05 13.00 11.83
N GLU A 281 -9.36 12.01 12.41
CA GLU A 281 -8.20 12.28 13.28
C GLU A 281 -7.06 13.02 12.59
N GLY A 282 -6.88 12.75 11.30
CA GLY A 282 -5.79 13.37 10.57
C GLY A 282 -5.90 14.87 10.47
N ALA A 283 -7.13 15.39 10.49
CA ALA A 283 -7.35 16.85 10.44
C ALA A 283 -6.83 17.55 11.68
N PHE A 284 -6.69 16.81 12.75
CA PHE A 284 -6.27 17.33 14.06
C PHE A 284 -4.82 17.00 14.29
N THR A 285 -4.47 15.77 13.99
CA THR A 285 -3.10 15.35 14.12
C THR A 285 -2.14 16.21 13.29
N VAL A 286 -2.54 16.63 12.10
CA VAL A 286 -1.69 17.39 11.18
C VAL A 286 -1.32 18.72 11.79
N LYS A 287 -2.25 19.31 12.53
CA LYS A 287 -1.94 20.55 13.23
C LYS A 287 -0.93 20.30 14.35
N ALA A 288 -1.09 19.19 15.10
CA ALA A 288 -0.13 18.83 16.17
C ALA A 288 1.25 18.54 15.59
N VAL A 289 1.26 17.77 14.51
CA VAL A 289 2.49 17.42 13.79
C VAL A 289 3.21 18.64 13.30
N MSE A 290 2.49 19.58 12.71
CA MSE A 290 3.14 20.86 12.24
C MSE A 290 3.79 21.71 13.34
O MSE A 290 4.85 22.30 13.14
CB MSE A 290 2.17 21.73 11.44
CG MSE A 290 2.04 21.37 9.92
SE MSE A 290 3.51 20.26 9.10
CE MSE A 290 4.67 21.78 8.74
N LYS A 291 3.14 21.77 14.51
CA LYS A 291 3.67 22.51 15.69
C LYS A 291 4.95 21.84 16.17
N ILE A 292 4.96 20.52 16.26
CA ILE A 292 6.18 19.77 16.61
C ILE A 292 7.31 19.94 15.59
N ALA A 293 6.98 19.81 14.32
CA ALA A 293 7.93 19.92 13.23
C ALA A 293 8.58 21.29 13.19
N LYS A 294 7.77 22.34 13.36
CA LYS A 294 8.37 23.68 13.43
C LYS A 294 9.26 23.85 14.63
N GLU A 295 8.80 23.45 15.81
CA GLU A 295 9.63 23.59 17.00
C GLU A 295 10.95 22.82 16.88
N ASN A 296 10.92 21.62 16.28
CA ASN A 296 12.11 20.77 16.22
C ASN A 296 12.80 20.81 14.85
N LYS A 297 12.37 21.74 14.01
CA LYS A 297 12.91 21.94 12.65
C LYS A 297 13.00 20.68 11.78
N ILE A 298 11.94 19.88 11.81
CA ILE A 298 11.85 18.68 11.03
C ILE A 298 10.99 19.00 9.80
N ASP A 299 11.50 18.69 8.60
CA ASP A 299 10.77 18.98 7.35
C ASP A 299 9.72 17.91 7.15
N MSE A 300 8.49 18.33 6.92
CA MSE A 300 7.39 17.39 6.68
C MSE A 300 6.57 17.86 5.47
O MSE A 300 5.43 18.30 5.62
CB MSE A 300 6.49 17.27 7.92
CG MSE A 300 7.18 16.80 9.20
SE MSE A 300 7.78 14.91 9.15
CE MSE A 300 5.97 14.02 9.51
N PRO A 301 7.13 17.71 4.26
CA PRO A 301 6.48 18.22 3.04
C PRO A 301 4.99 17.84 2.87
N ILE A 302 4.68 16.56 2.99
CA ILE A 302 3.30 16.07 2.78
C ILE A 302 2.42 16.62 3.87
N SER A 303 2.88 16.58 5.12
CA SER A 303 2.06 17.06 6.23
C SER A 303 1.80 18.54 6.10
N GLU A 304 2.80 19.24 5.61
CA GLU A 304 2.69 20.67 5.45
C GLU A 304 1.64 21.05 4.40
N GLU A 305 1.54 20.25 3.34
CA GLU A 305 0.54 20.49 2.28
C GLU A 305 -0.87 20.11 2.74
N VAL A 306 -0.96 19.02 3.49
CA VAL A 306 -2.27 18.62 4.02
C VAL A 306 -2.74 19.73 4.98
N TYR A 307 -1.84 20.23 5.85
CA TYR A 307 -2.13 21.40 6.70
C TYR A 307 -2.65 22.63 5.91
N ARG A 308 -1.95 22.98 4.86
CA ARG A 308 -2.34 24.11 4.01
C ARG A 308 -3.71 23.88 3.37
N VAL A 309 -3.97 22.66 2.87
CA VAL A 309 -5.23 22.40 2.19
C VAL A 309 -6.37 22.46 3.19
N VAL A 310 -6.17 21.82 4.34
CA VAL A 310 -7.21 21.71 5.35
C VAL A 310 -7.47 23.04 6.08
N TYR A 311 -6.43 23.76 6.46
CA TYR A 311 -6.56 24.92 7.33
C TYR A 311 -6.31 26.24 6.63
N GLU A 312 -5.59 26.27 5.51
CA GLU A 312 -5.29 27.57 4.89
C GLU A 312 -5.95 27.72 3.54
N GLY A 313 -6.87 26.80 3.22
CA GLY A 313 -7.64 26.85 1.99
C GLY A 313 -6.82 26.77 0.69
N LYS A 314 -5.69 26.09 0.73
CA LYS A 314 -4.86 25.96 -0.44
C LYS A 314 -5.58 25.08 -1.43
N PRO A 315 -5.68 25.52 -2.70
CA PRO A 315 -6.28 24.68 -3.75
C PRO A 315 -5.60 23.31 -3.83
N PRO A 316 -6.37 22.22 -3.73
CA PRO A 316 -5.73 20.91 -3.83
C PRO A 316 -4.79 20.72 -5.02
N LEU A 317 -5.13 21.22 -6.20
CA LEU A 317 -4.25 21.05 -7.37
C LEU A 317 -2.93 21.82 -7.29
N GLN A 318 -2.95 23.05 -6.80
CA GLN A 318 -1.69 23.77 -6.57
C GLN A 318 -0.86 23.01 -5.51
N SER A 319 -1.54 22.42 -4.51
CA SER A 319 -0.82 21.62 -3.52
C SER A 319 -0.10 20.44 -4.16
N MSE A 320 -0.83 19.74 -5.03
CA MSE A 320 -0.29 18.60 -5.77
C MSE A 320 0.99 19.00 -6.50
O MSE A 320 2.01 18.36 -6.31
CB MSE A 320 -1.39 18.05 -6.69
CG MSE A 320 -1.10 16.73 -7.45
SE MSE A 320 -0.18 17.29 -9.13
CE MSE A 320 1.40 16.64 -8.77
N ARG A 321 0.95 20.08 -7.27
CA ARG A 321 2.08 20.51 -8.08
C ARG A 321 3.28 20.92 -7.28
N ASP A 322 3.01 21.63 -6.20
CA ASP A 322 4.05 22.06 -5.27
C ASP A 322 4.80 20.90 -4.66
N LEU A 323 4.04 19.91 -4.23
CA LEU A 323 4.63 18.74 -3.63
C LEU A 323 5.49 17.94 -4.59
N MSE A 324 5.25 18.07 -5.88
CA MSE A 324 6.07 17.38 -6.84
C MSE A 324 7.46 17.94 -7.07
O MSE A 324 8.30 17.22 -7.58
CB MSE A 324 5.37 17.38 -8.16
CG MSE A 324 4.29 16.40 -8.17
SE MSE A 324 3.73 16.23 -10.01
CE MSE A 324 5.21 14.78 -10.59
N ARG A 325 7.71 19.18 -6.70
CA ARG A 325 9.01 19.77 -7.01
C ARG A 325 9.97 19.84 -5.82
N MSE B 15 22.22 9.41 -29.63
CA MSE B 15 21.87 8.20 -28.86
C MSE B 15 20.40 7.82 -29.07
O MSE B 15 19.51 8.50 -28.56
CB MSE B 15 22.17 8.47 -27.39
CG MSE B 15 21.56 7.52 -26.37
SE MSE B 15 21.51 8.34 -24.54
CE MSE B 15 23.34 9.30 -24.64
N ARG B 16 20.14 6.74 -29.81
CA ARG B 16 18.77 6.37 -30.18
C ARG B 16 18.19 5.25 -29.31
N PHE B 17 16.93 5.40 -28.93
CA PHE B 17 16.21 4.39 -28.16
C PHE B 17 15.51 3.50 -29.16
N PHE B 18 15.80 2.20 -29.11
CA PHE B 18 15.12 1.20 -29.95
C PHE B 18 14.25 0.39 -29.02
N VAL B 19 12.93 0.62 -29.08
CA VAL B 19 11.98 0.06 -28.12
C VAL B 19 11.43 -1.21 -28.72
N LEU B 20 11.80 -2.30 -28.08
CA LEU B 20 11.45 -3.61 -28.55
C LEU B 20 10.16 -4.07 -27.84
N GLY B 21 9.06 -4.05 -28.58
CA GLY B 21 7.80 -4.52 -28.08
C GLY B 21 6.80 -3.38 -27.97
N ALA B 22 5.68 -3.56 -28.68
CA ALA B 22 4.60 -2.57 -28.82
C ALA B 22 3.33 -3.05 -28.14
N GLY B 23 3.44 -3.44 -26.86
CA GLY B 23 2.30 -3.63 -26.02
C GLY B 23 1.90 -2.33 -25.33
N SER B 24 1.22 -2.46 -24.21
CA SER B 24 0.67 -1.30 -23.50
C SER B 24 1.79 -0.35 -23.12
N TRP B 25 2.89 -0.89 -22.60
CA TRP B 25 3.95 -0.11 -22.00
C TRP B 25 5.10 0.25 -22.95
N GLY B 26 5.48 -0.67 -23.82
CA GLY B 26 6.39 -0.28 -24.90
C GLY B 26 5.87 0.90 -25.73
N THR B 27 4.60 0.87 -26.12
CA THR B 27 4.05 1.90 -26.94
C THR B 27 3.99 3.25 -26.23
N VAL B 28 3.56 3.22 -24.99
CA VAL B 28 3.44 4.43 -24.16
C VAL B 28 4.81 5.02 -23.84
N PHE B 29 5.76 4.15 -23.47
CA PHE B 29 7.12 4.62 -23.15
C PHE B 29 7.76 5.21 -24.39
N ALA B 30 7.73 4.47 -25.49
CA ALA B 30 8.25 4.95 -26.78
C ALA B 30 7.70 6.34 -27.19
N GLN B 31 6.39 6.51 -27.08
CA GLN B 31 5.71 7.74 -27.42
C GLN B 31 6.10 8.88 -26.51
N MSE B 32 6.29 8.58 -25.24
CA MSE B 32 6.64 9.59 -24.29
C MSE B 32 8.01 10.13 -24.62
O MSE B 32 8.21 11.32 -24.60
CB MSE B 32 6.65 9.03 -22.87
CG MSE B 32 7.24 9.99 -21.85
SE MSE B 32 7.00 9.23 -20.06
CE MSE B 32 8.48 7.92 -20.06
N LEU B 33 8.96 9.23 -24.89
CA LEU B 33 10.32 9.65 -25.23
C LEU B 33 10.29 10.47 -26.49
N HIS B 34 9.53 10.02 -27.48
CA HIS B 34 9.36 10.71 -28.77
C HIS B 34 8.78 12.13 -28.58
N GLU B 35 7.67 12.22 -27.86
CA GLU B 35 7.11 13.51 -27.42
C GLU B 35 8.07 14.38 -26.63
N ASN B 36 9.07 13.80 -25.97
CA ASN B 36 10.07 14.65 -25.30
C ASN B 36 11.31 14.97 -26.14
N GLY B 37 11.27 14.62 -27.42
CA GLY B 37 12.32 15.03 -28.35
C GLY B 37 13.47 14.05 -28.48
N GLU B 38 13.33 12.87 -27.90
CA GLU B 38 14.37 11.86 -28.05
C GLU B 38 14.18 11.12 -29.38
N GLU B 39 15.26 10.61 -29.94
CA GLU B 39 15.19 9.79 -31.15
C GLU B 39 14.75 8.41 -30.70
N VAL B 40 13.61 7.97 -31.21
CA VAL B 40 12.99 6.68 -30.83
C VAL B 40 12.48 5.97 -32.06
N ILE B 41 12.59 4.65 -32.06
CA ILE B 41 11.83 3.80 -33.00
C ILE B 41 11.26 2.64 -32.21
N LEU B 42 10.03 2.27 -32.53
CA LEU B 42 9.29 1.21 -31.84
C LEU B 42 9.13 -0.05 -32.71
N TRP B 43 9.54 -1.21 -32.20
CA TRP B 43 9.40 -2.46 -32.92
C TRP B 43 8.16 -3.15 -32.41
N ALA B 44 7.37 -3.61 -33.34
CA ALA B 44 6.20 -4.38 -33.06
C ALA B 44 6.33 -5.70 -33.79
N ARG B 45 6.05 -6.76 -33.05
CA ARG B 45 6.03 -8.11 -33.60
C ARG B 45 5.18 -8.29 -34.85
N ARG B 46 4.03 -7.62 -34.93
CA ARG B 46 3.07 -7.85 -36.05
C ARG B 46 2.99 -6.69 -37.00
N LYS B 47 3.10 -6.97 -38.29
CA LYS B 47 3.05 -5.92 -39.32
C LYS B 47 1.78 -5.09 -39.25
N GLU B 48 0.67 -5.67 -38.75
CA GLU B 48 -0.61 -4.96 -38.57
C GLU B 48 -0.51 -3.84 -37.56
N ILE B 49 0.19 -4.11 -36.46
CA ILE B 49 0.34 -3.11 -35.40
C ILE B 49 1.26 -1.99 -35.91
N VAL B 50 2.33 -2.37 -36.60
CA VAL B 50 3.27 -1.43 -37.23
C VAL B 50 2.56 -0.43 -38.14
N ASP B 51 1.67 -0.95 -38.99
CA ASP B 51 0.97 -0.13 -39.97
C ASP B 51 -0.11 0.75 -39.32
N LEU B 52 -0.79 0.24 -38.31
CA LEU B 52 -1.72 1.08 -37.58
C LEU B 52 -1.02 2.30 -37.01
N ILE B 53 0.07 2.07 -36.31
CA ILE B 53 0.84 3.10 -35.66
C ILE B 53 1.37 4.13 -36.66
N ASN B 54 2.00 3.67 -37.73
CA ASN B 54 2.59 4.59 -38.74
C ASN B 54 1.55 5.33 -39.59
N VAL B 55 0.39 4.71 -39.81
CA VAL B 55 -0.59 5.25 -40.74
C VAL B 55 -1.77 5.84 -40.02
N SER B 56 -2.37 5.11 -39.10
CA SER B 56 -3.58 5.60 -38.42
C SER B 56 -3.26 6.28 -37.07
N HIS B 57 -2.00 6.23 -36.65
CA HIS B 57 -1.50 6.87 -35.42
C HIS B 57 -2.22 6.42 -34.19
N THR B 58 -2.53 5.14 -34.17
CA THR B 58 -3.23 4.53 -33.09
C THR B 58 -2.66 3.15 -32.82
N SER B 59 -2.96 2.64 -31.64
CA SER B 59 -2.70 1.26 -31.28
C SER B 59 -3.83 0.79 -30.40
N PRO B 60 -4.21 -0.48 -30.53
CA PRO B 60 -5.19 -1.06 -29.62
C PRO B 60 -4.68 -1.23 -28.20
N TYR B 61 -3.39 -1.06 -27.96
CA TYR B 61 -2.82 -1.13 -26.59
C TYR B 61 -2.82 0.22 -25.86
N VAL B 62 -3.32 1.26 -26.50
CA VAL B 62 -3.30 2.60 -25.90
C VAL B 62 -4.56 3.37 -26.28
N GLU B 63 -5.49 3.51 -25.34
CA GLU B 63 -6.81 4.15 -25.55
C GLU B 63 -6.73 5.63 -25.85
N GLU B 64 -7.56 6.06 -26.81
CA GLU B 64 -7.85 7.49 -27.03
C GLU B 64 -6.64 8.40 -27.04
N SER B 65 -5.49 7.88 -27.48
CA SER B 65 -4.20 8.57 -27.41
C SER B 65 -3.48 8.36 -28.76
N LYS B 66 -3.05 9.45 -29.39
CA LYS B 66 -2.44 9.40 -30.74
C LYS B 66 -0.97 9.02 -30.65
N ILE B 67 -0.60 7.94 -31.33
CA ILE B 67 0.78 7.42 -31.33
C ILE B 67 1.44 7.91 -32.59
N THR B 68 2.46 8.76 -32.45
CA THR B 68 3.12 9.39 -33.61
C THR B 68 4.52 8.84 -33.80
N VAL B 69 5.04 8.14 -32.81
CA VAL B 69 6.33 7.50 -32.89
C VAL B 69 6.35 6.52 -34.09
N ARG B 70 7.51 6.41 -34.74
CA ARG B 70 7.71 5.53 -35.91
C ARG B 70 7.77 4.09 -35.44
N ALA B 71 7.05 3.22 -36.15
CA ALA B 71 7.08 1.79 -35.85
C ALA B 71 7.78 1.05 -36.99
N THR B 72 8.43 -0.05 -36.64
CA THR B 72 9.01 -0.98 -37.58
C THR B 72 8.74 -2.44 -37.17
N ASN B 73 8.74 -3.33 -38.16
CA ASN B 73 8.64 -4.77 -37.93
C ASN B 73 9.99 -5.46 -38.15
N ASP B 74 11.04 -4.69 -38.45
CA ASP B 74 12.32 -5.22 -38.83
C ASP B 74 13.41 -5.04 -37.75
N LEU B 75 13.86 -6.14 -37.15
CA LEU B 75 14.98 -6.12 -36.21
C LEU B 75 16.29 -5.69 -36.87
N GLU B 76 16.37 -5.87 -38.18
CA GLU B 76 17.53 -5.42 -38.96
C GLU B 76 17.80 -3.93 -38.82
N GLU B 77 16.79 -3.15 -38.48
CA GLU B 77 16.94 -1.71 -38.27
C GLU B 77 17.75 -1.35 -37.02
N ILE B 78 17.94 -2.26 -36.08
CA ILE B 78 18.74 -1.95 -34.88
C ILE B 78 20.23 -1.74 -35.22
N LYS B 79 20.88 -0.82 -34.49
CA LYS B 79 22.28 -0.46 -34.72
C LYS B 79 23.10 -0.62 -33.44
N LYS B 80 24.42 -0.74 -33.57
CA LYS B 80 25.26 -0.98 -32.40
C LYS B 80 25.29 0.24 -31.45
N GLU B 81 24.92 1.42 -31.95
CA GLU B 81 24.83 2.64 -31.13
C GLU B 81 23.49 2.83 -30.37
N ASP B 82 22.48 2.01 -30.69
CA ASP B 82 21.16 2.13 -30.06
C ASP B 82 21.17 1.73 -28.59
N ILE B 83 20.22 2.31 -27.85
CA ILE B 83 19.75 1.78 -26.57
C ILE B 83 18.60 0.85 -26.87
N LEU B 84 18.78 -0.42 -26.55
CA LEU B 84 17.73 -1.38 -26.66
C LEU B 84 16.84 -1.37 -25.41
N VAL B 85 15.65 -0.82 -25.55
CA VAL B 85 14.64 -0.81 -24.51
C VAL B 85 13.77 -2.02 -24.73
N ILE B 86 13.79 -2.96 -23.78
CA ILE B 86 13.03 -4.19 -23.83
C ILE B 86 11.67 -3.97 -23.17
N ALA B 87 10.62 -4.24 -23.93
CA ALA B 87 9.22 -4.17 -23.47
C ALA B 87 8.40 -5.32 -24.00
N ILE B 88 9.03 -6.48 -24.06
CA ILE B 88 8.40 -7.75 -24.42
C ILE B 88 8.19 -8.54 -23.13
N PRO B 89 7.03 -9.19 -22.98
CA PRO B 89 6.85 -9.89 -21.71
C PRO B 89 7.98 -10.94 -21.55
N VAL B 90 8.39 -11.16 -20.31
CA VAL B 90 9.63 -11.88 -19.98
C VAL B 90 9.80 -13.25 -20.64
N GLN B 91 8.73 -14.03 -20.71
CA GLN B 91 8.89 -15.37 -21.27
C GLN B 91 9.21 -15.33 -22.76
N TYR B 92 9.05 -14.18 -23.42
CA TYR B 92 9.27 -14.07 -24.87
C TYR B 92 10.48 -13.23 -25.28
N ILE B 93 11.25 -12.74 -24.33
CA ILE B 93 12.41 -11.90 -24.65
C ILE B 93 13.47 -12.67 -25.40
N ARG B 94 13.85 -13.82 -24.86
CA ARG B 94 14.94 -14.63 -25.39
C ARG B 94 14.79 -14.93 -26.88
N GLU B 95 13.60 -15.36 -27.29
CA GLU B 95 13.42 -15.79 -28.67
C GLU B 95 13.60 -14.61 -29.62
N HIS B 96 13.39 -13.39 -29.13
CA HIS B 96 13.62 -12.20 -29.94
C HIS B 96 15.05 -11.69 -29.89
N LEU B 97 15.66 -11.72 -28.72
CA LEU B 97 17.07 -11.31 -28.60
C LEU B 97 18.00 -12.21 -29.42
N LEU B 98 17.67 -13.49 -29.52
CA LEU B 98 18.44 -14.41 -30.35
C LEU B 98 18.42 -14.04 -31.84
N ARG B 99 17.50 -13.17 -32.25
CA ARG B 99 17.38 -12.77 -33.65
C ARG B 99 17.97 -11.41 -33.95
N LEU B 100 18.57 -10.74 -32.97
CA LEU B 100 19.16 -9.45 -33.26
C LEU B 100 20.36 -9.63 -34.20
N PRO B 101 20.46 -8.80 -35.25
CA PRO B 101 21.56 -8.90 -36.19
C PRO B 101 22.85 -8.35 -35.58
N VAL B 102 22.74 -7.34 -34.72
CA VAL B 102 23.89 -6.81 -34.01
C VAL B 102 23.60 -6.60 -32.54
N LYS B 103 24.64 -6.37 -31.75
CA LYS B 103 24.49 -6.07 -30.33
C LYS B 103 24.38 -4.57 -30.12
N PRO B 104 23.40 -4.15 -29.30
CA PRO B 104 23.21 -2.72 -29.04
C PRO B 104 24.27 -2.22 -28.07
N SER B 105 24.36 -0.91 -27.89
CA SER B 105 25.34 -0.35 -26.96
C SER B 105 24.98 -0.77 -25.54
N MSE B 106 23.68 -0.92 -25.27
CA MSE B 106 23.20 -1.45 -24.00
C MSE B 106 21.70 -1.74 -24.02
O MSE B 106 21.01 -1.42 -24.97
CB MSE B 106 23.43 -0.41 -22.91
CG MSE B 106 22.63 0.86 -23.12
SE MSE B 106 22.57 1.98 -21.49
CE MSE B 106 21.36 0.88 -20.38
N VAL B 107 21.21 -2.34 -22.93
CA VAL B 107 19.80 -2.57 -22.71
C VAL B 107 19.27 -1.79 -21.50
N LEU B 108 18.13 -1.12 -21.71
CA LEU B 108 17.27 -0.69 -20.64
C LEU B 108 16.04 -1.58 -20.64
N ASN B 109 15.83 -2.27 -19.54
CA ASN B 109 14.71 -3.18 -19.47
C ASN B 109 13.52 -2.64 -18.72
N LEU B 110 12.34 -2.87 -19.29
CA LEU B 110 11.06 -2.40 -18.73
C LEU B 110 10.18 -3.55 -18.21
N SER B 111 10.51 -4.77 -18.62
CA SER B 111 9.71 -5.96 -18.37
C SER B 111 9.90 -6.51 -16.96
N LYS B 112 8.84 -7.07 -16.41
CA LYS B 112 8.84 -7.52 -15.02
C LYS B 112 8.51 -8.96 -14.93
N GLY B 113 9.52 -9.76 -14.66
CA GLY B 113 9.32 -11.16 -14.45
C GLY B 113 10.59 -11.95 -14.40
N ILE B 114 10.40 -13.26 -14.30
CA ILE B 114 11.49 -14.22 -14.27
C ILE B 114 11.21 -15.35 -15.25
N GLU B 115 12.18 -15.65 -16.09
CA GLU B 115 12.02 -16.67 -17.12
C GLU B 115 11.86 -18.09 -16.55
N ILE B 116 10.77 -18.74 -16.90
CA ILE B 116 10.47 -20.08 -16.41
C ILE B 116 11.52 -21.11 -16.84
N LYS B 117 11.79 -21.14 -18.14
CA LYS B 117 12.71 -22.08 -18.77
C LYS B 117 14.03 -22.24 -17.97
N THR B 118 14.55 -21.12 -17.49
CA THR B 118 15.89 -21.07 -16.92
C THR B 118 15.94 -20.61 -15.47
N GLY B 119 14.92 -19.88 -15.02
CA GLY B 119 14.94 -19.26 -13.70
C GLY B 119 15.70 -17.95 -13.68
N LYS B 120 15.95 -17.38 -14.86
CA LYS B 120 16.76 -16.19 -15.03
C LYS B 120 15.97 -14.88 -15.03
N ARG B 121 16.60 -13.85 -14.46
CA ARG B 121 16.13 -12.48 -14.53
C ARG B 121 16.47 -11.91 -15.87
N VAL B 122 15.87 -10.76 -16.21
CA VAL B 122 16.14 -10.21 -17.53
C VAL B 122 17.60 -9.85 -17.68
N SER B 123 18.23 -9.35 -16.62
CA SER B 123 19.67 -9.03 -16.65
C SER B 123 20.55 -10.23 -17.02
N GLU B 124 20.13 -11.42 -16.61
CA GLU B 124 20.92 -12.61 -16.83
C GLU B 124 20.65 -13.16 -18.24
N ILE B 125 19.46 -12.90 -18.78
CA ILE B 125 19.14 -13.19 -20.19
C ILE B 125 19.98 -12.32 -21.14
N VAL B 126 20.00 -11.02 -20.87
CA VAL B 126 20.81 -10.08 -21.61
C VAL B 126 22.31 -10.39 -21.49
N GLU B 127 22.76 -10.84 -20.31
CA GLU B 127 24.18 -11.18 -20.16
C GLU B 127 24.54 -12.42 -20.98
N GLU B 128 23.64 -13.40 -20.99
CA GLU B 128 23.86 -14.65 -21.68
C GLU B 128 23.84 -14.48 -23.18
N ILE B 129 22.92 -13.67 -23.70
CA ILE B 129 22.70 -13.57 -25.15
C ILE B 129 23.46 -12.44 -25.77
N LEU B 130 23.37 -11.24 -25.20
CA LEU B 130 23.94 -10.04 -25.82
C LEU B 130 25.24 -9.59 -25.17
N GLY B 131 25.30 -9.67 -23.84
CA GLY B 131 26.55 -9.43 -23.10
C GLY B 131 26.96 -7.96 -23.03
N CYS B 132 25.98 -7.06 -23.12
CA CYS B 132 26.23 -5.63 -23.07
C CYS B 132 25.78 -5.06 -21.71
N PRO B 133 26.13 -3.79 -21.44
CA PRO B 133 25.62 -3.06 -20.28
C PRO B 133 24.12 -3.15 -20.09
N TYR B 134 23.67 -2.93 -18.87
CA TYR B 134 22.28 -3.17 -18.56
C TYR B 134 21.78 -2.22 -17.48
N ALA B 135 20.56 -1.73 -17.68
CA ALA B 135 19.82 -1.00 -16.67
C ALA B 135 18.37 -1.47 -16.65
N VAL B 136 17.70 -1.26 -15.52
CA VAL B 136 16.30 -1.62 -15.38
C VAL B 136 15.51 -0.43 -14.89
N LEU B 137 14.41 -0.10 -15.55
CA LEU B 137 13.48 0.93 -15.06
C LEU B 137 12.24 0.24 -14.51
N SER B 138 11.91 0.50 -13.24
CA SER B 138 10.76 -0.16 -12.62
C SER B 138 10.12 0.68 -11.52
N GLY B 139 8.80 0.78 -11.50
CA GLY B 139 8.19 1.37 -10.34
C GLY B 139 6.69 1.32 -10.51
N PRO B 140 6.00 2.07 -9.69
CA PRO B 140 4.55 2.14 -9.82
C PRO B 140 4.13 2.92 -11.07
N SER B 141 4.05 2.28 -12.21
CA SER B 141 3.77 2.97 -13.49
C SER B 141 2.82 2.22 -14.45
N HIS B 142 1.55 2.18 -14.09
CA HIS B 142 0.55 1.69 -14.98
C HIS B 142 0.55 2.50 -16.25
N ALA B 143 0.76 1.84 -17.37
CA ALA B 143 0.80 2.49 -18.71
C ALA B 143 -0.40 3.38 -19.03
N GLU B 144 -1.60 2.99 -18.61
CA GLU B 144 -2.81 3.73 -18.91
C GLU B 144 -2.70 5.14 -18.34
N GLU B 145 -2.15 5.24 -17.13
CA GLU B 145 -2.01 6.52 -16.48
C GLU B 145 -0.88 7.35 -17.04
N VAL B 146 0.25 6.71 -17.37
CA VAL B 146 1.37 7.43 -17.99
C VAL B 146 0.96 8.04 -19.34
N ALA B 147 0.14 7.31 -20.11
CA ALA B 147 -0.41 7.84 -21.39
C ALA B 147 -1.22 9.12 -21.21
N LYS B 148 -1.93 9.20 -20.10
CA LYS B 148 -2.78 10.34 -19.75
C LYS B 148 -1.99 11.49 -19.10
N LYS B 149 -0.68 11.30 -18.95
CA LYS B 149 0.23 12.27 -18.37
C LYS B 149 0.00 12.53 -16.88
N LEU B 150 -0.47 11.52 -16.17
CA LEU B 150 -0.68 11.65 -14.75
C LEU B 150 0.64 11.40 -13.98
N PRO B 151 0.85 12.12 -12.86
CA PRO B 151 2.04 11.98 -12.02
C PRO B 151 2.40 10.54 -11.73
N THR B 152 3.65 10.19 -11.97
CA THR B 152 4.17 8.84 -11.90
C THR B 152 5.66 8.95 -11.43
N ALA B 153 6.13 8.03 -10.58
CA ALA B 153 7.54 8.01 -10.16
C ALA B 153 8.06 6.61 -10.27
N VAL B 154 9.28 6.43 -10.80
CA VAL B 154 9.88 5.08 -10.88
C VAL B 154 11.35 5.17 -10.49
N THR B 155 11.99 4.03 -10.33
CA THR B 155 13.45 4.04 -10.09
C THR B 155 14.20 3.38 -11.21
N LEU B 156 15.46 3.77 -11.38
CA LEU B 156 16.26 3.23 -12.46
C LEU B 156 17.57 2.79 -11.85
N ALA B 157 17.93 1.53 -12.06
CA ALA B 157 19.26 1.07 -11.65
C ALA B 157 20.05 0.47 -12.81
N GLY B 158 21.35 0.69 -12.78
CA GLY B 158 22.26 -0.04 -13.65
C GLY B 158 23.13 0.92 -14.41
N GLU B 159 23.64 0.48 -15.55
CA GLU B 159 24.65 1.26 -16.24
C GLU B 159 24.05 2.50 -16.92
N ASN B 160 24.78 3.61 -16.81
CA ASN B 160 24.42 4.92 -17.36
C ASN B 160 23.12 5.49 -16.79
N SER B 161 22.72 5.06 -15.60
CA SER B 161 21.44 5.53 -15.01
C SER B 161 21.36 7.07 -14.93
N LYS B 162 22.45 7.73 -14.61
CA LYS B 162 22.38 9.17 -14.48
C LYS B 162 21.97 9.81 -15.80
N GLU B 163 22.67 9.45 -16.87
CA GLU B 163 22.33 9.90 -18.20
C GLU B 163 20.89 9.54 -18.66
N LEU B 164 20.52 8.28 -18.52
CA LEU B 164 19.15 7.88 -18.83
C LEU B 164 18.08 8.62 -18.03
N GLN B 165 18.39 8.98 -16.79
CA GLN B 165 17.49 9.77 -15.95
C GLN B 165 17.18 11.10 -16.60
N LYS B 166 18.23 11.76 -17.12
CA LYS B 166 18.12 13.09 -17.72
C LYS B 166 17.23 13.07 -18.97
N ARG B 167 17.34 12.01 -19.77
CA ARG B 167 16.58 11.90 -21.00
C ARG B 167 15.15 11.39 -20.85
N ILE B 168 14.92 10.54 -19.86
CA ILE B 168 13.65 9.89 -19.68
C ILE B 168 12.64 10.75 -18.88
N SER B 169 13.11 11.38 -17.82
CA SER B 169 12.27 12.17 -16.95
C SER B 169 11.45 13.25 -17.67
N THR B 170 10.16 13.37 -17.30
CA THR B 170 9.32 14.51 -17.73
C THR B 170 8.78 15.20 -16.48
N GLU B 171 7.95 16.23 -16.66
CA GLU B 171 7.31 16.90 -15.51
C GLU B 171 6.37 15.94 -14.76
N TYR B 172 5.81 14.99 -15.46
CA TYR B 172 4.85 14.04 -14.85
C TYR B 172 5.40 12.62 -14.66
N PHE B 173 6.57 12.33 -15.25
CA PHE B 173 7.21 11.02 -15.12
C PHE B 173 8.58 11.24 -14.48
N ARG B 174 8.71 10.92 -13.20
CA ARG B 174 9.91 11.25 -12.44
C ARG B 174 10.76 10.02 -12.30
N VAL B 175 12.04 10.12 -12.63
CA VAL B 175 12.94 8.99 -12.47
C VAL B 175 13.93 9.23 -11.34
N TYR B 176 13.97 8.30 -10.39
CA TYR B 176 14.98 8.27 -9.32
C TYR B 176 15.95 7.13 -9.64
N THR B 177 17.23 7.28 -9.31
CA THR B 177 18.18 6.23 -9.61
C THR B 177 18.56 5.55 -8.31
N CYS B 178 18.89 4.26 -8.37
CA CYS B 178 19.57 3.58 -7.28
C CYS B 178 20.55 2.56 -7.85
N GLU B 179 21.28 1.88 -6.98
CA GLU B 179 22.38 0.99 -7.38
C GLU B 179 21.99 -0.48 -7.51
N ASP B 180 20.79 -0.85 -7.07
CA ASP B 180 20.50 -2.25 -6.82
C ASP B 180 19.71 -2.86 -7.94
N VAL B 181 20.40 -3.32 -8.98
CA VAL B 181 19.73 -3.93 -10.14
C VAL B 181 18.99 -5.18 -9.74
N VAL B 182 19.64 -6.05 -8.98
CA VAL B 182 19.02 -7.32 -8.60
C VAL B 182 17.72 -7.11 -7.81
N GLY B 183 17.78 -6.26 -6.79
CA GLY B 183 16.61 -5.94 -5.98
C GLY B 183 15.49 -5.36 -6.80
N VAL B 184 15.79 -4.46 -7.73
CA VAL B 184 14.73 -3.82 -8.52
C VAL B 184 14.00 -4.82 -9.43
N GLU B 185 14.78 -5.72 -10.05
CA GLU B 185 14.25 -6.77 -10.92
C GLU B 185 13.39 -7.76 -10.15
N ILE B 186 13.84 -8.19 -8.99
CA ILE B 186 13.08 -9.16 -8.20
C ILE B 186 11.82 -8.53 -7.64
N ALA B 187 11.94 -7.30 -7.15
CA ALA B 187 10.80 -6.57 -6.63
C ALA B 187 9.73 -6.42 -7.69
N GLY B 188 10.10 -5.96 -8.89
CA GLY B 188 9.10 -5.85 -9.97
C GLY B 188 8.54 -7.15 -10.52
N ALA B 189 9.37 -8.19 -10.61
CA ALA B 189 8.87 -9.54 -10.99
C ALA B 189 7.90 -10.10 -9.98
N LEU B 190 8.29 -10.09 -8.70
CA LEU B 190 7.48 -10.78 -7.69
C LEU B 190 6.26 -10.03 -7.22
N LYS B 191 6.24 -8.70 -7.32
CA LYS B 191 5.03 -7.95 -6.88
C LYS B 191 3.82 -8.42 -7.63
N ASN B 192 4.04 -8.91 -8.85
CA ASN B 192 2.92 -9.40 -9.67
C ASN B 192 2.33 -10.70 -9.12
N VAL B 193 3.14 -11.54 -8.48
CA VAL B 193 2.69 -12.75 -7.82
C VAL B 193 1.87 -12.33 -6.60
N ILE B 194 2.36 -11.39 -5.79
CA ILE B 194 1.55 -10.96 -4.63
C ILE B 194 0.20 -10.36 -5.07
N ALA B 195 0.20 -9.64 -6.21
CA ALA B 195 -1.03 -8.94 -6.67
C ALA B 195 -2.14 -9.91 -7.09
N ILE B 196 -1.77 -11.09 -7.55
CA ILE B 196 -2.82 -12.12 -7.85
C ILE B 196 -3.51 -12.48 -6.54
N ALA B 197 -2.71 -12.71 -5.49
CA ALA B 197 -3.26 -12.99 -4.18
C ALA B 197 -4.13 -11.83 -3.68
N ALA B 198 -3.70 -10.62 -3.93
CA ALA B 198 -4.44 -9.47 -3.48
C ALA B 198 -5.73 -9.38 -4.22
N GLY B 199 -5.68 -9.66 -5.53
CA GLY B 199 -6.92 -9.67 -6.33
C GLY B 199 -7.94 -10.68 -5.86
N ILE B 200 -7.48 -11.83 -5.42
CA ILE B 200 -8.41 -12.85 -4.88
C ILE B 200 -9.31 -12.30 -3.76
N LEU B 201 -8.75 -11.48 -2.88
CA LEU B 201 -9.47 -10.87 -1.79
C LEU B 201 -10.53 -9.91 -2.35
N ASP B 202 -10.23 -9.23 -3.47
CA ASP B 202 -11.21 -8.38 -4.12
C ASP B 202 -12.33 -9.25 -4.67
N GLY B 203 -12.05 -10.45 -5.18
CA GLY B 203 -13.12 -11.35 -5.69
C GLY B 203 -14.03 -11.95 -4.64
N PHE B 204 -13.55 -12.04 -3.39
CA PHE B 204 -14.40 -12.44 -2.27
C PHE B 204 -15.30 -11.30 -1.87
N GLY B 205 -15.02 -10.08 -2.34
CA GLY B 205 -15.91 -8.97 -2.02
C GLY B 205 -15.20 -7.74 -1.50
N GLY B 206 -13.88 -7.80 -1.45
CA GLY B 206 -13.09 -6.72 -0.89
C GLY B 206 -12.92 -6.95 0.59
N TRP B 207 -11.81 -7.55 0.95
CA TRP B 207 -11.38 -7.69 2.34
C TRP B 207 -10.17 -6.76 2.52
N ASP B 208 -10.42 -5.51 2.86
CA ASP B 208 -9.38 -4.47 2.88
C ASP B 208 -8.34 -4.69 4.01
N ASN B 209 -8.82 -5.00 5.20
CA ASN B 209 -7.91 -5.29 6.32
C ASN B 209 -7.00 -6.47 5.94
N ALA B 210 -7.57 -7.52 5.37
CA ALA B 210 -6.79 -8.69 4.93
C ALA B 210 -5.82 -8.35 3.86
N LYS B 211 -6.21 -7.49 2.93
CA LYS B 211 -5.32 -7.15 1.84
C LYS B 211 -4.09 -6.45 2.36
N ALA B 212 -4.31 -5.48 3.23
CA ALA B 212 -3.22 -4.73 3.83
C ALA B 212 -2.21 -5.65 4.59
N ALA B 213 -2.74 -6.63 5.34
CA ALA B 213 -1.93 -7.62 6.04
C ALA B 213 -1.16 -8.48 5.05
N LEU B 214 -1.82 -8.89 3.97
CA LEU B 214 -1.20 -9.60 2.85
C LEU B 214 -0.06 -8.87 2.21
N GLU B 215 -0.25 -7.55 2.02
CA GLU B 215 0.74 -6.72 1.37
C GLU B 215 1.96 -6.49 2.27
N THR B 216 1.73 -6.38 3.57
CA THR B 216 2.77 -6.26 4.56
C THR B 216 3.63 -7.56 4.62
N ARG B 217 2.96 -8.70 4.66
CA ARG B 217 3.67 -9.95 4.60
C ARG B 217 4.35 -10.16 3.24
N GLY B 218 3.72 -9.68 2.18
CA GLY B 218 4.12 -9.89 0.83
C GLY B 218 5.41 -9.17 0.51
N ILE B 219 5.56 -7.95 1.00
CA ILE B 219 6.76 -7.18 0.72
C ILE B 219 7.96 -7.83 1.39
N TYR B 220 7.73 -8.39 2.57
CA TYR B 220 8.75 -9.15 3.30
C TYR B 220 9.13 -10.48 2.60
N GLU B 221 8.13 -11.20 2.06
CA GLU B 221 8.41 -12.42 1.29
C GLU B 221 9.23 -12.08 0.03
N ILE B 222 8.88 -10.99 -0.62
CA ILE B 222 9.63 -10.53 -1.79
C ILE B 222 11.07 -10.20 -1.44
N ALA B 223 11.26 -9.42 -0.38
CA ALA B 223 12.57 -8.99 0.08
C ALA B 223 13.50 -10.17 0.44
N ARG B 224 12.93 -11.16 1.10
CA ARG B 224 13.65 -12.37 1.49
C ARG B 224 14.22 -13.13 0.29
N PHE B 225 13.41 -13.22 -0.77
CA PHE B 225 13.81 -13.82 -2.00
C PHE B 225 14.92 -13.00 -2.64
N GLY B 226 14.74 -11.68 -2.69
CA GLY B 226 15.76 -10.79 -3.23
C GLY B 226 17.08 -10.79 -2.50
N MSE B 227 17.04 -10.76 -1.18
CA MSE B 227 18.28 -10.72 -0.41
C MSE B 227 19.05 -12.01 -0.51
O MSE B 227 20.29 -12.01 -0.46
CB MSE B 227 17.99 -10.36 1.04
CG MSE B 227 17.78 -8.88 1.19
SE MSE B 227 16.79 -8.55 2.84
CE MSE B 227 15.36 -7.52 2.02
N PHE B 228 18.34 -13.12 -0.69
CA PHE B 228 19.01 -14.35 -1.05
C PHE B 228 19.88 -14.19 -2.31
N PHE B 229 19.47 -13.32 -3.24
CA PHE B 229 20.27 -13.08 -4.44
C PHE B 229 21.12 -11.82 -4.39
N GLY B 230 21.30 -11.27 -3.19
CA GLY B 230 22.23 -10.15 -2.99
C GLY B 230 21.57 -8.80 -3.18
N ALA B 231 20.23 -8.77 -3.12
CA ALA B 231 19.49 -7.48 -3.12
C ALA B 231 19.71 -6.71 -1.83
N ASP B 232 19.52 -5.39 -1.95
CA ASP B 232 19.62 -4.45 -0.86
C ASP B 232 18.26 -4.34 -0.19
N GLN B 233 18.23 -4.47 1.13
CA GLN B 233 17.00 -4.35 1.89
C GLN B 233 16.22 -3.06 1.60
N LYS B 234 16.94 -1.95 1.47
CA LYS B 234 16.34 -0.62 1.26
C LYS B 234 15.55 -0.55 -0.03
N THR B 235 15.89 -1.41 -0.98
CA THR B 235 15.29 -1.34 -2.31
C THR B 235 13.78 -1.62 -2.20
N PHE B 236 13.44 -2.52 -1.30
CA PHE B 236 12.07 -3.04 -1.17
C PHE B 236 11.14 -2.04 -0.49
N MSE B 237 11.74 -1.06 0.21
CA MSE B 237 10.98 0.00 0.85
C MSE B 237 10.90 1.23 -0.05
O MSE B 237 10.44 2.29 0.37
CB MSE B 237 11.67 0.42 2.18
CB MSE B 237 11.52 0.31 2.26
CG MSE B 237 12.28 -0.71 3.05
CG MSE B 237 11.04 -0.71 3.31
SE MSE B 237 13.17 -0.05 4.76
SE MSE B 237 9.07 -1.04 3.35
CE MSE B 237 15.05 -0.24 4.39
CE MSE B 237 8.43 0.82 3.78
N GLY B 238 11.39 1.12 -1.27
CA GLY B 238 11.29 2.22 -2.21
C GLY B 238 10.22 1.99 -3.25
N LEU B 239 10.29 2.80 -4.30
CA LEU B 239 9.34 2.72 -5.44
C LEU B 239 9.27 1.38 -6.14
N ALA B 240 10.42 0.75 -6.40
CA ALA B 240 10.42 -0.59 -7.04
C ALA B 240 9.73 -1.68 -6.21
N GLY B 241 9.80 -1.55 -4.89
CA GLY B 241 9.31 -2.56 -3.97
C GLY B 241 7.91 -2.21 -3.56
N ILE B 242 7.79 -1.58 -2.39
CA ILE B 242 6.48 -1.31 -1.81
C ILE B 242 5.61 -0.44 -2.74
N GLY B 243 6.23 0.52 -3.42
CA GLY B 243 5.51 1.43 -4.28
C GLY B 243 4.80 0.68 -5.39
N ASP B 244 5.54 -0.13 -6.13
CA ASP B 244 4.96 -0.95 -7.20
C ASP B 244 3.99 -1.99 -6.63
N LEU B 245 4.34 -2.57 -5.50
CA LEU B 245 3.37 -3.53 -4.90
C LEU B 245 2.02 -2.87 -4.65
N MSE B 246 2.06 -1.71 -4.02
CA MSE B 246 0.85 -0.96 -3.74
C MSE B 246 0.02 -0.60 -4.96
O MSE B 246 -1.23 -0.75 -4.94
CB MSE B 246 1.15 0.28 -2.91
CG MSE B 246 1.52 -0.07 -1.50
SE MSE B 246 1.91 1.48 -0.41
CE MSE B 246 3.51 2.20 -1.26
N VAL B 247 0.65 -0.12 -6.03
CA VAL B 247 -0.15 0.30 -7.20
C VAL B 247 -0.73 -0.93 -7.87
N THR B 248 -0.04 -2.05 -7.81
CA THR B 248 -0.50 -3.28 -8.48
C THR B 248 -1.59 -4.00 -7.68
N CYS B 249 -1.48 -4.03 -6.36
CA CYS B 249 -2.52 -4.68 -5.53
C CYS B 249 -3.84 -3.90 -5.42
N ASN B 250 -3.81 -2.61 -5.69
CA ASN B 250 -4.92 -1.72 -5.37
C ASN B 250 -5.54 -1.04 -6.57
N SER B 251 -4.99 -1.19 -7.77
CA SER B 251 -5.46 -0.37 -8.91
C SER B 251 -6.32 -1.19 -9.82
N ARG B 252 -7.39 -0.59 -10.27
CA ARG B 252 -8.24 -1.13 -11.34
C ARG B 252 -7.49 -1.39 -12.64
N TYR B 253 -6.31 -0.80 -12.81
CA TYR B 253 -5.51 -1.03 -14.04
C TYR B 253 -4.66 -2.30 -14.03
N SER B 254 -4.44 -2.91 -12.85
CA SER B 254 -3.60 -4.09 -12.73
C SER B 254 -4.22 -5.32 -13.36
N ARG B 255 -3.53 -5.90 -14.33
CA ARG B 255 -3.95 -7.20 -14.91
C ARG B 255 -3.77 -8.38 -13.97
N ASN B 256 -2.73 -8.34 -13.17
CA ASN B 256 -2.46 -9.38 -12.21
C ASN B 256 -3.50 -9.37 -11.09
N ARG B 257 -3.85 -8.18 -10.58
CA ARG B 257 -4.94 -8.07 -9.59
C ARG B 257 -6.26 -8.58 -10.21
N ARG B 258 -6.56 -8.16 -11.44
CA ARG B 258 -7.82 -8.59 -12.15
C ARG B 258 -7.90 -10.12 -12.31
N PHE B 259 -6.77 -10.74 -12.67
CA PHE B 259 -6.68 -12.18 -12.83
C PHE B 259 -7.14 -12.91 -11.55
N GLY B 260 -6.59 -12.49 -10.41
CA GLY B 260 -6.91 -13.04 -9.11
C GLY B 260 -8.35 -12.79 -8.75
N GLU B 261 -8.84 -11.58 -9.04
CA GLU B 261 -10.20 -11.27 -8.75
C GLU B 261 -11.16 -12.22 -9.46
N LEU B 262 -10.89 -12.42 -10.74
CA LEU B 262 -11.69 -13.30 -11.60
C LEU B 262 -11.61 -14.77 -11.24
N ILE B 263 -10.45 -15.22 -10.79
CA ILE B 263 -10.33 -16.60 -10.30
C ILE B 263 -11.16 -16.81 -9.02
N ALA B 264 -11.12 -15.84 -8.11
CA ALA B 264 -11.93 -15.88 -6.90
C ALA B 264 -13.42 -15.91 -7.23
N ARG B 265 -13.79 -15.23 -8.31
CA ARG B 265 -15.19 -15.27 -8.80
C ARG B 265 -15.55 -16.55 -9.52
N GLY B 266 -14.62 -17.48 -9.69
CA GLY B 266 -14.96 -18.79 -10.26
C GLY B 266 -14.54 -19.02 -11.70
N PHE B 267 -13.93 -18.05 -12.35
CA PHE B 267 -13.48 -18.24 -13.72
C PHE B 267 -12.30 -19.19 -13.73
N ASN B 268 -12.13 -19.92 -14.82
CA ASN B 268 -11.02 -20.84 -14.96
C ASN B 268 -9.73 -20.10 -15.31
N PRO B 269 -8.65 -20.30 -14.55
CA PRO B 269 -7.44 -19.54 -14.86
C PRO B 269 -6.97 -19.56 -16.32
N LEU B 270 -7.04 -20.69 -17.01
CA LEU B 270 -6.55 -20.74 -18.41
C LEU B 270 -7.45 -19.96 -19.38
N LYS B 271 -8.76 -20.18 -19.28
CA LYS B 271 -9.67 -19.41 -20.09
C LYS B 271 -9.55 -17.87 -19.89
N LEU B 272 -9.16 -17.45 -18.68
CA LEU B 272 -8.90 -16.05 -18.42
C LEU B 272 -7.73 -15.56 -19.24
N LEU B 273 -6.66 -16.36 -19.27
CA LEU B 273 -5.45 -15.97 -19.95
C LEU B 273 -5.68 -15.92 -21.47
N GLU B 274 -6.39 -16.91 -21.99
CA GLU B 274 -6.66 -17.00 -23.41
C GLU B 274 -7.61 -15.89 -23.92
N SER B 275 -8.39 -15.29 -23.01
CA SER B 275 -9.39 -14.24 -23.33
C SER B 275 -8.83 -12.87 -23.75
N SER B 276 -7.51 -12.75 -23.71
CA SER B 276 -6.86 -11.46 -23.90
C SER B 276 -5.46 -11.57 -24.54
N ASN B 277 -5.13 -10.59 -25.38
CA ASN B 277 -3.80 -10.45 -26.00
C ASN B 277 -2.78 -9.89 -25.05
N GLN B 278 -3.23 -9.28 -23.94
CA GLN B 278 -2.32 -8.81 -22.88
C GLN B 278 -1.81 -9.98 -22.00
N VAL B 279 -0.67 -9.78 -21.35
CA VAL B 279 0.01 -10.83 -20.63
C VAL B 279 -0.02 -10.58 -19.10
N VAL B 280 -0.38 -11.61 -18.36
CA VAL B 280 -0.45 -11.60 -16.91
C VAL B 280 0.84 -12.20 -16.39
N GLU B 281 1.82 -11.32 -16.14
CA GLU B 281 3.17 -11.77 -15.93
C GLU B 281 3.26 -12.59 -14.66
N GLY B 282 2.46 -12.28 -13.65
CA GLY B 282 2.50 -13.04 -12.39
C GLY B 282 2.15 -14.52 -12.50
N ALA B 283 1.32 -14.83 -13.47
CA ALA B 283 0.95 -16.18 -13.79
C ALA B 283 2.14 -17.03 -14.21
N PHE B 284 3.14 -16.41 -14.83
CA PHE B 284 4.31 -17.11 -15.32
C PHE B 284 5.44 -16.99 -14.33
N THR B 285 5.67 -15.78 -13.84
CA THR B 285 6.66 -15.56 -12.79
C THR B 285 6.48 -16.49 -11.57
N VAL B 286 5.25 -16.81 -11.17
CA VAL B 286 5.09 -17.64 -9.95
C VAL B 286 5.73 -19.01 -10.13
N LYS B 287 5.62 -19.54 -11.35
CA LYS B 287 6.14 -20.88 -11.64
C LYS B 287 7.66 -20.85 -11.55
N ALA B 288 8.26 -19.81 -12.11
CA ALA B 288 9.72 -19.66 -12.08
C ALA B 288 10.21 -19.50 -10.63
N VAL B 289 9.51 -18.69 -9.85
CA VAL B 289 9.78 -18.52 -8.42
C VAL B 289 9.76 -19.85 -7.66
N MSE B 290 8.72 -20.62 -7.88
CA MSE B 290 8.60 -21.90 -7.19
C MSE B 290 9.76 -22.82 -7.49
O MSE B 290 10.23 -23.51 -6.59
CB MSE B 290 7.26 -22.59 -7.46
CG MSE B 290 6.05 -22.02 -6.68
SE MSE B 290 6.43 -21.29 -4.86
CE MSE B 290 6.48 -23.06 -4.04
N LYS B 291 10.23 -22.85 -8.72
CA LYS B 291 11.34 -23.74 -9.08
C LYS B 291 12.62 -23.31 -8.35
N ILE B 292 12.85 -22.02 -8.34
CA ILE B 292 14.00 -21.42 -7.69
C ILE B 292 13.97 -21.65 -6.19
N ALA B 293 12.80 -21.40 -5.59
CA ALA B 293 12.56 -21.63 -4.18
C ALA B 293 12.72 -23.09 -3.76
N LYS B 294 12.23 -24.02 -4.56
CA LYS B 294 12.40 -25.44 -4.27
C LYS B 294 13.84 -25.83 -4.37
N GLU B 295 14.50 -25.40 -5.45
CA GLU B 295 15.92 -25.67 -5.60
C GLU B 295 16.82 -25.06 -4.52
N ASN B 296 16.43 -23.95 -3.93
CA ASN B 296 17.24 -23.23 -2.96
C ASN B 296 16.72 -23.31 -1.54
N LYS B 297 15.66 -24.07 -1.34
CA LYS B 297 15.02 -24.26 -0.03
C LYS B 297 14.67 -22.93 0.59
N ILE B 298 14.16 -22.02 -0.25
CA ILE B 298 13.61 -20.73 0.20
C ILE B 298 12.10 -20.92 0.41
N ASP B 299 11.62 -20.58 1.61
CA ASP B 299 10.21 -20.72 1.91
C ASP B 299 9.46 -19.54 1.34
N MSE B 300 8.38 -19.78 0.60
CA MSE B 300 7.58 -18.71 -0.05
C MSE B 300 6.09 -18.97 0.06
O MSE B 300 5.43 -19.34 -0.91
CB MSE B 300 7.96 -18.59 -1.53
CG MSE B 300 9.43 -18.29 -1.78
SE MSE B 300 10.00 -16.47 -1.21
CE MSE B 300 9.19 -15.39 -2.70
N PRO B 301 5.54 -18.75 1.25
CA PRO B 301 4.14 -19.06 1.56
C PRO B 301 3.11 -18.49 0.60
N ILE B 302 3.19 -17.21 0.31
CA ILE B 302 2.19 -16.57 -0.56
C ILE B 302 2.34 -17.05 -2.00
N SER B 303 3.57 -17.11 -2.49
CA SER B 303 3.82 -17.49 -3.88
C SER B 303 3.37 -18.93 -4.09
N GLU B 304 3.65 -19.75 -3.09
CA GLU B 304 3.22 -21.12 -3.11
C GLU B 304 1.72 -21.31 -3.26
N GLU B 305 0.94 -20.55 -2.50
CA GLU B 305 -0.50 -20.63 -2.60
C GLU B 305 -0.96 -20.05 -3.93
N VAL B 306 -0.32 -18.99 -4.40
CA VAL B 306 -0.69 -18.49 -5.72
C VAL B 306 -0.46 -19.54 -6.79
N TYR B 307 0.68 -20.25 -6.75
CA TYR B 307 0.94 -21.31 -7.70
C TYR B 307 -0.15 -22.40 -7.65
N ARG B 308 -0.55 -22.79 -6.46
CA ARG B 308 -1.52 -23.85 -6.30
C ARG B 308 -2.88 -23.46 -6.85
N VAL B 309 -3.30 -22.23 -6.59
CA VAL B 309 -4.57 -21.72 -7.10
C VAL B 309 -4.56 -21.61 -8.64
N VAL B 310 -3.48 -21.11 -9.19
CA VAL B 310 -3.35 -20.89 -10.63
C VAL B 310 -3.08 -22.17 -11.42
N TYR B 311 -2.18 -23.03 -10.92
CA TYR B 311 -1.76 -24.20 -11.64
C TYR B 311 -2.38 -25.51 -11.19
N GLU B 312 -2.84 -25.59 -9.94
CA GLU B 312 -3.37 -26.83 -9.41
C GLU B 312 -4.85 -26.85 -9.01
N GLY B 313 -5.62 -25.86 -9.44
CA GLY B 313 -7.07 -25.88 -9.22
C GLY B 313 -7.47 -25.77 -7.77
N LYS B 314 -6.59 -25.27 -6.92
CA LYS B 314 -6.89 -25.25 -5.48
C LYS B 314 -7.93 -24.17 -5.24
N PRO B 315 -9.03 -24.50 -4.54
CA PRO B 315 -10.04 -23.48 -4.22
C PRO B 315 -9.47 -22.27 -3.50
N PRO B 316 -9.74 -21.07 -4.03
CA PRO B 316 -9.16 -19.85 -3.38
C PRO B 316 -9.47 -19.71 -1.87
N LEU B 317 -10.67 -20.08 -1.45
CA LEU B 317 -11.04 -20.05 -0.03
C LEU B 317 -10.25 -21.04 0.84
N GLN B 318 -9.92 -22.21 0.28
CA GLN B 318 -9.08 -23.17 0.97
C GLN B 318 -7.67 -22.61 1.06
N SER B 319 -7.21 -22.01 -0.01
CA SER B 319 -5.90 -21.41 -0.04
C SER B 319 -5.77 -20.30 1.02
N MSE B 320 -6.78 -19.43 1.09
CA MSE B 320 -6.83 -18.34 2.10
C MSE B 320 -6.70 -18.92 3.49
O MSE B 320 -5.84 -18.50 4.25
CB MSE B 320 -8.12 -17.51 1.91
CG MSE B 320 -8.31 -16.24 2.84
SE MSE B 320 -9.39 -16.85 4.43
CE MSE B 320 -8.20 -16.89 5.62
N ARG B 321 -7.56 -19.89 3.81
CA ARG B 321 -7.52 -20.60 5.08
C ARG B 321 -6.16 -21.18 5.40
N ASP B 322 -5.52 -21.81 4.42
CA ASP B 322 -4.21 -22.46 4.63
C ASP B 322 -3.10 -21.42 4.84
N LEU B 323 -3.09 -20.37 4.03
CA LEU B 323 -2.12 -19.31 4.18
C LEU B 323 -2.21 -18.65 5.57
N MSE B 324 -3.43 -18.38 6.04
CA MSE B 324 -3.60 -17.93 7.42
C MSE B 324 -2.97 -18.82 8.50
O MSE B 324 -2.47 -18.30 9.49
CB MSE B 324 -5.06 -17.76 7.73
CG MSE B 324 -5.61 -16.52 7.14
SE MSE B 324 -7.37 -16.11 7.89
CE MSE B 324 -6.74 -15.03 9.56
N ARG B 325 -3.03 -20.13 8.34
CA ARG B 325 -2.34 -21.04 9.28
C ARG B 325 -0.80 -20.92 9.25
N ARG B 326 -0.22 -20.60 8.08
CA ARG B 326 1.20 -20.19 7.98
C ARG B 326 1.42 -18.75 8.54
PA NDP C . -16.01 7.59 15.59
O1A NDP C . -16.78 6.41 15.09
O2A NDP C . -15.36 8.38 14.53
O5B NDP C . -16.92 8.58 16.46
C5B NDP C . -16.34 9.66 17.16
C4B NDP C . -16.47 9.46 18.68
O4B NDP C . -16.02 10.60 19.41
C3B NDP C . -17.91 9.22 19.16
O3B NDP C . -17.97 8.11 20.04
C2B NDP C . -18.22 10.51 19.90
O2B NDP C . -19.25 10.37 20.84
C1B NDP C . -16.86 10.69 20.56
N9A NDP C . -16.66 11.79 21.58
C8A NDP C . -16.29 11.62 22.93
N7A NDP C . -16.17 12.81 23.56
C5A NDP C . -16.44 13.70 22.58
C6A NDP C . -16.46 15.06 22.65
N6A NDP C . -15.97 15.63 23.73
N1A NDP C . -16.76 15.75 21.47
C2A NDP C . -17.04 15.07 20.28
N3A NDP C . -17.00 13.68 20.22
C4A NDP C . -16.73 13.08 21.36
O3 NDP C . -14.87 7.21 16.67
PN NDP C . -13.80 6.01 16.51
O1N NDP C . -14.10 4.91 17.47
O2N NDP C . -13.68 5.72 15.08
O5D NDP C . -12.55 6.92 17.10
C5D NDP C . -11.84 6.70 18.30
C4D NDP C . -10.36 6.33 18.02
O4D NDP C . -10.23 5.04 17.42
C3D NDP C . -9.73 7.33 17.06
O3D NDP C . -8.47 7.81 17.50
C2D NDP C . -9.58 6.47 15.80
O2D NDP C . -8.55 6.92 14.95
C1D NDP C . -9.37 5.05 16.29
N1N NDP C . -9.64 3.98 15.27
C2N NDP C . -10.80 3.94 14.55
C3N NDP C . -11.04 2.93 13.62
C7N NDP C . -12.32 2.86 12.88
O7N NDP C . -13.45 3.66 13.17
N7N NDP C . -12.36 2.04 11.86
C4N NDP C . -10.21 1.66 13.62
C5N NDP C . -8.98 1.82 14.43
C6N NDP C . -8.78 2.94 15.21
P2B NDP C . -20.79 10.79 20.57
O1X NDP C . -21.54 9.63 19.94
O2X NDP C . -20.84 12.00 19.66
O3X NDP C . -21.27 11.06 21.99
O1 G3H D . 3.62 -0.65 -12.07
C1 G3H D . 2.55 -1.52 -12.41
C2 G3H D . 2.83 -2.24 -13.73
O2 G3H D . 3.76 -3.30 -13.55
C3 G3H D . 1.53 -2.84 -14.27
O1P G3H D . 1.05 -3.89 -13.42
O2P G3H D . 0.99 -5.84 -15.06
O3P G3H D . -0.36 -5.92 -12.93
O4P G3H D . -0.95 -4.39 -14.97
P G3H D . 0.11 -5.07 -14.09
C1 MRD E . -2.72 15.91 -3.85
C2 MRD E . -1.56 15.56 -2.96
O2 MRD E . -0.34 16.07 -3.51
CM MRD E . -1.37 14.05 -2.94
C3 MRD E . -1.78 16.06 -1.55
C4 MRD E . -1.84 17.57 -1.32
O4 MRD E . -0.64 18.14 -1.74
C5 MRD E . -2.03 17.86 0.17
C1 MPD F . 6.03 11.59 -5.45
C2 MPD F . 5.59 12.95 -4.90
O2 MPD F . 5.11 12.80 -3.53
CM MPD F . 6.85 13.82 -4.95
C3 MPD F . 4.47 13.60 -5.72
C4 MPD F . 3.31 12.66 -6.07
O4 MPD F . 2.68 12.28 -4.88
C5 MPD F . 2.29 13.32 -6.99
C1 MPD G . -18.58 13.18 6.03
C2 MPD G . -17.05 13.23 6.09
O2 MPD G . -16.50 12.16 5.29
CM MPD G . -16.48 14.55 5.58
C3 MPD G . -16.55 13.10 7.52
C4 MPD G . -16.97 11.76 8.12
O4 MPD G . -16.57 10.72 7.26
C5 MPD G . -16.36 11.60 9.51
C1 MPD H . -18.98 20.17 -3.37
C2 MPD H . -20.24 20.65 -4.07
O2 MPD H . -19.83 20.82 -5.44
CM MPD H . -21.39 19.64 -4.08
C3 MPD H . -20.75 21.95 -3.46
C4 MPD H . -19.75 23.12 -3.57
O4 MPD H . -19.32 23.27 -4.91
C5 MPD H . -20.36 24.42 -3.09
PA NDP I . 0.75 -6.11 -22.94
O1A NDP I . 0.05 -4.81 -23.05
O2A NDP I . 0.29 -7.04 -21.85
O5B NDP I . 0.59 -6.96 -24.30
C5B NDP I . 1.25 -8.19 -24.43
C4B NDP I . 2.41 -8.04 -25.42
O4B NDP I . 3.08 -9.31 -25.58
C3B NDP I . 1.97 -7.61 -26.83
O3B NDP I . 2.72 -6.54 -27.38
C2B NDP I . 2.17 -8.89 -27.61
O2B NDP I . 2.33 -8.70 -28.98
C1B NDP I . 3.47 -9.30 -26.94
N9A NDP I . 4.33 -10.38 -27.51
C8A NDP I . 5.57 -10.02 -28.05
N7A NDP I . 6.26 -11.06 -28.52
C5A NDP I . 5.44 -12.07 -28.25
C6A NDP I . 5.72 -13.34 -28.56
N6A NDP I . 6.97 -13.52 -28.74
N1A NDP I . 4.83 -14.33 -28.23
C2A NDP I . 3.63 -13.89 -27.58
N3A NDP I . 3.32 -12.56 -27.27
C4A NDP I . 4.25 -11.69 -27.63
O3 NDP I . 2.32 -5.88 -22.74
PN NDP I . 3.04 -4.87 -21.68
O1N NDP I . 3.53 -3.72 -22.46
O2N NDP I . 2.12 -4.67 -20.53
O5D NDP I . 4.19 -5.89 -21.23
C5D NDP I . 5.59 -5.78 -21.45
C4D NDP I . 6.29 -5.66 -20.09
O4D NDP I . 6.07 -4.37 -19.55
C3D NDP I . 5.82 -6.68 -19.08
O3D NDP I . 6.86 -7.46 -18.53
C2D NDP I . 5.12 -5.85 -18.03
O2D NDP I . 5.18 -6.36 -16.72
C1D NDP I . 5.79 -4.52 -18.16
N1N NDP I . 4.95 -3.47 -17.55
C2N NDP I . 3.65 -3.25 -17.99
C3N NDP I . 2.93 -2.14 -17.54
C7N NDP I . 1.55 -1.88 -18.04
O7N NDP I . 0.95 -2.70 -19.00
N7N NDP I . 0.82 -0.97 -17.42
C4N NDP I . 3.63 -0.96 -16.92
C5N NDP I . 4.99 -1.32 -16.50
C6N NDP I . 5.58 -2.51 -16.83
P2B NDP I . 1.15 -8.79 -30.05
O1X NDP I . 0.39 -7.51 -29.89
O2X NDP I . 0.31 -9.99 -29.65
O3X NDP I . 1.78 -9.03 -31.38
O1 G3P J . -6.55 1.17 10.49
C1 G3P J . -7.83 1.59 10.14
C2 G3P J . -7.95 3.03 10.57
O2 G3P J . -7.35 3.46 11.74
C3 G3P J . -9.32 3.65 10.44
O1P G3P J . -8.96 4.69 9.55
O4P G3P J . -9.18 6.77 8.21
O2P G3P J . -9.91 6.67 10.69
O3P G3P J . -11.25 5.53 9.01
P G3P J . -9.84 5.98 9.34
C1 MRD K . -6.67 -15.32 -0.51
C2 MRD K . -5.20 -15.26 -0.11
O2 MRD K . -5.01 -16.15 0.99
CM MRD K . -4.85 -13.85 0.33
C3 MRD K . -4.28 -15.64 -1.26
C4 MRD K . -4.40 -17.09 -1.72
O4 MRD K . -3.89 -17.94 -0.71
C5 MRD K . -3.62 -17.31 -3.01
C1 MRD L . -2.28 -12.93 5.28
C2 MRD L . -3.81 -13.10 5.19
O2 MRD L . -4.04 -14.49 5.49
CM MRD L . -4.38 -12.80 3.82
C3 MRD L . -4.66 -12.23 6.13
C4 MRD L . -4.16 -11.99 7.55
O4 MRD L . -3.97 -13.20 8.26
C5 MRD L . -5.15 -11.15 8.37
C1 MRD M . -7.23 -11.68 -16.52
C2 MRD M . -7.88 -10.94 -17.68
O2 MRD M . -8.26 -9.60 -17.27
CM MRD M . -9.14 -11.64 -18.19
C3 MRD M . -6.86 -10.79 -18.81
C4 MRD M . -5.76 -9.81 -18.39
O4 MRD M . -6.33 -8.58 -18.00
C5 MRD M . -4.74 -9.58 -19.50
C1 MRD N . 25.26 12.36 -23.32
C2 MRD N . 26.58 12.02 -23.97
O2 MRD N . 26.72 10.58 -24.05
CM MRD N . 27.68 12.53 -23.04
C3 MRD N . 26.65 12.62 -25.39
C4 MRD N . 25.58 12.10 -26.38
O4 MRD N . 25.83 10.75 -26.72
C5 MRD N . 25.53 12.91 -27.66
#